data_4GAC
#
_entry.id   4GAC
#
_cell.length_a   56.940
_cell.length_b   92.620
_cell.length_c   70.100
_cell.angle_alpha   90.000
_cell.angle_beta   106.160
_cell.angle_gamma   90.000
#
_symmetry.space_group_name_H-M   'P 1 21 1'
#
loop_
_entity.id
_entity.type
_entity.pdbx_description
1 polymer 'Alcohol dehydrogenase [NADP(+)]'
2 non-polymer 1,2-ETHANEDIOL
3 non-polymer 'CITRATE ANION'
4 water water
#
_entity_poly.entity_id   1
_entity_poly.type   'polypeptide(L)'
_entity_poly.pdbx_seq_one_letter_code
;TASSVLLHTGQKMPLIGLGTWKSEPGQVKAAIKHALSAGYRHIDCASVYGNETEIGEALKESVGSGKAVPREELFVTSKL
WNTKHHPEDVEPALRKTLADLQLEYLDLYLMHWPYAFERGDNPFPKNADGTVRYDSTHYKETWKALEVLVAKGLVKALGL
SNFNSRQIDDVLSVASVRPAVLQVECHPYLAQNELIAHCHARGLEVTAYSPLGSSDRAWRHPDEPVLLEEPVVLALAEKH
GRSPAQILLRWQVQRKVICIPKSINPSRILQNIQVFDFTFSPEEMKQLDALNKNWRYIVPMITVDGKRVPRDAGHPLYPF
NDPY
;
_entity_poly.pdbx_strand_id   A,B
#
# COMPACT_ATOMS: atom_id res chain seq x y z
N THR A 1 -15.83 -19.25 12.20
CA THR A 1 -14.55 -18.75 12.67
C THR A 1 -13.95 -17.73 11.69
N ALA A 2 -14.28 -17.87 10.41
CA ALA A 2 -13.68 -17.04 9.36
C ALA A 2 -13.96 -15.56 9.62
N SER A 3 -12.91 -14.74 9.50
CA SER A 3 -13.01 -13.36 9.95
C SER A 3 -12.82 -12.30 8.86
N SER A 4 -12.76 -12.72 7.60
N SER A 4 -12.76 -12.72 7.60
CA SER A 4 -12.70 -11.78 6.48
CA SER A 4 -12.67 -11.79 6.48
C SER A 4 -13.53 -12.26 5.31
C SER A 4 -13.52 -12.26 5.31
N VAL A 5 -13.78 -11.36 4.36
CA VAL A 5 -14.41 -11.74 3.10
C VAL A 5 -13.52 -11.30 1.96
N LEU A 6 -13.65 -11.98 0.83
CA LEU A 6 -12.86 -11.65 -0.35
CA LEU A 6 -12.86 -11.67 -0.36
C LEU A 6 -13.58 -10.67 -1.25
N LEU A 7 -12.91 -9.56 -1.56
CA LEU A 7 -13.42 -8.62 -2.56
C LEU A 7 -13.07 -9.14 -3.96
N HIS A 8 -13.67 -8.57 -4.99
CA HIS A 8 -13.43 -9.08 -6.34
C HIS A 8 -11.99 -8.85 -6.81
N THR A 9 -11.30 -7.93 -6.12
CA THR A 9 -9.90 -7.66 -6.40
C THR A 9 -8.96 -8.70 -5.80
N GLY A 10 -9.48 -9.57 -4.94
CA GLY A 10 -8.66 -10.54 -4.25
C GLY A 10 -8.27 -10.11 -2.85
N GLN A 11 -8.63 -8.87 -2.48
CA GLN A 11 -8.30 -8.36 -1.16
C GLN A 11 -9.10 -9.06 -0.08
N LYS A 12 -8.47 -9.33 1.05
CA LYS A 12 -9.18 -9.81 2.21
C LYS A 12 -9.60 -8.61 3.05
N MET A 13 -10.91 -8.44 3.23
CA MET A 13 -11.41 -7.34 4.02
C MET A 13 -11.99 -7.91 5.31
N PRO A 14 -11.42 -7.53 6.46
CA PRO A 14 -11.87 -8.08 7.75
C PRO A 14 -13.34 -7.77 8.01
N LEU A 15 -14.08 -8.77 8.50
CA LEU A 15 -15.50 -8.63 8.82
C LEU A 15 -15.81 -7.65 9.95
N ILE A 16 -14.82 -7.33 10.77
CA ILE A 16 -14.98 -6.28 11.78
C ILE A 16 -13.93 -5.20 11.56
N GLY A 17 -14.37 -3.95 11.50
CA GLY A 17 -13.46 -2.82 11.48
C GLY A 17 -13.88 -1.79 12.49
N LEU A 18 -12.96 -0.88 12.81
CA LEU A 18 -13.25 0.19 13.76
C LEU A 18 -13.86 1.37 13.02
N GLY A 19 -15.06 1.78 13.43
CA GLY A 19 -15.65 3.00 12.92
C GLY A 19 -15.04 4.22 13.61
N THR A 20 -14.68 5.23 12.82
CA THR A 20 -14.14 6.48 13.37
C THR A 20 -15.11 7.64 13.17
N TRP A 21 -16.26 7.34 12.56
CA TRP A 21 -17.39 8.25 12.52
C TRP A 21 -17.68 8.78 13.92
N LYS A 22 -17.75 10.11 14.06
CA LYS A 22 -18.06 10.80 15.33
C LYS A 22 -16.94 10.78 16.37
N SER A 23 -15.79 10.16 16.05
CA SER A 23 -14.69 10.17 16.99
C SER A 23 -13.97 11.53 16.92
N GLU A 24 -14.03 12.30 18.00
CA GLU A 24 -13.39 13.61 18.01
C GLU A 24 -11.89 13.47 17.84
N PRO A 25 -11.24 14.47 17.21
CA PRO A 25 -9.79 14.44 17.02
C PRO A 25 -9.04 14.14 18.33
N GLY A 26 -9.51 14.70 19.43
CA GLY A 26 -8.84 14.52 20.72
C GLY A 26 -8.99 13.14 21.34
N GLN A 27 -9.89 12.31 20.81
CA GLN A 27 -10.17 10.99 21.37
C GLN A 27 -9.79 9.85 20.42
N VAL A 28 -9.67 10.16 19.14
CA VAL A 28 -9.55 9.08 18.16
C VAL A 28 -8.22 8.31 18.24
N LYS A 29 -7.15 8.98 18.65
CA LYS A 29 -5.85 8.30 18.73
C LYS A 29 -5.88 7.18 19.76
N ALA A 30 -6.48 7.43 20.92
CA ALA A 30 -6.60 6.36 21.92
C ALA A 30 -7.46 5.21 21.43
N ALA A 31 -8.52 5.53 20.69
CA ALA A 31 -9.40 4.50 20.14
C ALA A 31 -8.64 3.59 19.18
N ILE A 32 -7.83 4.19 18.30
CA ILE A 32 -7.06 3.44 17.31
C ILE A 32 -6.07 2.52 18.04
N LYS A 33 -5.40 3.06 19.05
CA LYS A 33 -4.44 2.25 19.81
C LYS A 33 -5.10 1.03 20.45
N HIS A 34 -6.26 1.26 21.08
CA HIS A 34 -6.99 0.17 21.70
C HIS A 34 -7.47 -0.86 20.67
N ALA A 35 -7.93 -0.40 19.51
CA ALA A 35 -8.43 -1.30 18.48
C ALA A 35 -7.30 -2.16 17.93
N LEU A 36 -6.16 -1.54 17.60
CA LEU A 36 -5.03 -2.32 17.12
C LEU A 36 -4.59 -3.38 18.14
N SER A 37 -4.56 -3.00 19.41
CA SER A 37 -4.20 -3.94 20.49
C SER A 37 -5.17 -5.10 20.61
N ALA A 38 -6.45 -4.82 20.35
CA ALA A 38 -7.51 -5.82 20.39
C ALA A 38 -7.57 -6.70 19.14
N GLY A 39 -6.74 -6.39 18.14
CA GLY A 39 -6.63 -7.22 16.96
C GLY A 39 -7.34 -6.69 15.73
N TYR A 40 -7.88 -5.47 15.81
CA TYR A 40 -8.50 -4.87 14.63
C TYR A 40 -7.45 -4.66 13.56
N ARG A 41 -7.82 -5.00 12.33
CA ARG A 41 -6.93 -4.79 11.20
C ARG A 41 -7.69 -4.11 10.05
N HIS A 42 -8.72 -3.37 10.41
CA HIS A 42 -9.60 -2.68 9.46
C HIS A 42 -10.06 -1.43 10.18
N ILE A 43 -9.77 -0.27 9.57
CA ILE A 43 -10.15 1.01 10.13
C ILE A 43 -10.96 1.77 9.08
N ASP A 44 -12.13 2.28 9.46
CA ASP A 44 -12.98 3.00 8.52
C ASP A 44 -12.94 4.48 8.81
N CYS A 45 -12.57 5.27 7.81
CA CYS A 45 -12.34 6.70 7.96
C CYS A 45 -13.16 7.48 6.93
N ALA A 46 -13.17 8.80 7.07
CA ALA A 46 -13.76 9.70 6.07
C ALA A 46 -13.24 11.09 6.29
N SER A 47 -13.01 11.83 5.20
N SER A 47 -13.01 11.82 5.19
CA SER A 47 -12.55 13.19 5.34
CA SER A 47 -12.59 13.21 5.28
C SER A 47 -13.52 14.04 6.17
C SER A 47 -13.52 14.02 6.18
N VAL A 48 -14.82 13.80 6.01
CA VAL A 48 -15.83 14.61 6.67
C VAL A 48 -15.86 14.41 8.18
N TYR A 49 -15.26 13.31 8.66
CA TYR A 49 -15.21 13.06 10.10
C TYR A 49 -14.26 14.04 10.81
N GLY A 50 -13.42 14.74 10.04
CA GLY A 50 -12.60 15.82 10.57
C GLY A 50 -11.50 15.38 11.51
N ASN A 51 -11.06 14.12 11.37
CA ASN A 51 -10.10 13.53 12.27
C ASN A 51 -9.01 12.69 11.59
N GLU A 52 -8.89 12.81 10.27
CA GLU A 52 -7.91 11.97 9.56
C GLU A 52 -6.47 12.28 9.92
N THR A 53 -6.16 13.55 10.20
CA THR A 53 -4.78 13.90 10.61
C THR A 53 -4.42 13.14 11.89
N GLU A 54 -5.32 13.14 12.87
CA GLU A 54 -5.05 12.45 14.13
C GLU A 54 -4.98 10.94 13.93
N ILE A 55 -5.85 10.40 13.07
CA ILE A 55 -5.76 8.97 12.75
C ILE A 55 -4.42 8.64 12.12
N GLY A 56 -3.94 9.50 11.20
CA GLY A 56 -2.63 9.33 10.60
C GLY A 56 -1.51 9.25 11.63
N GLU A 57 -1.57 10.11 12.63
CA GLU A 57 -0.56 10.09 13.68
C GLU A 57 -0.62 8.79 14.47
N ALA A 58 -1.83 8.38 14.82
CA ALA A 58 -2.00 7.15 15.59
C ALA A 58 -1.49 5.93 14.81
N LEU A 59 -1.78 5.86 13.52
CA LEU A 59 -1.37 4.71 12.74
C LEU A 59 0.13 4.68 12.57
N LYS A 60 0.74 5.86 12.50
CA LYS A 60 2.18 5.96 12.25
C LYS A 60 2.98 5.35 13.41
N GLU A 61 2.37 5.32 14.60
CA GLU A 61 3.03 4.77 15.78
C GLU A 61 3.23 3.26 15.73
N SER A 62 2.34 2.54 15.05
N SER A 62 2.31 2.57 15.06
CA SER A 62 2.38 1.08 15.12
CA SER A 62 2.23 1.11 15.15
C SER A 62 2.12 0.40 13.78
C SER A 62 2.13 0.41 13.79
N VAL A 63 1.97 1.16 12.71
CA VAL A 63 1.73 0.58 11.40
C VAL A 63 2.75 1.03 10.34
N GLY A 64 3.43 0.07 9.74
CA GLY A 64 4.40 0.38 8.69
C GLY A 64 5.74 -0.32 8.86
N SER A 65 6.76 0.22 8.22
CA SER A 65 8.05 -0.46 8.17
C SER A 65 8.70 -0.64 9.54
N GLY A 66 9.00 -1.88 9.88
CA GLY A 66 9.67 -2.20 11.13
C GLY A 66 8.74 -2.13 12.32
N LYS A 67 7.45 -1.93 12.08
CA LYS A 67 6.50 -1.74 13.16
C LYS A 67 5.68 -2.98 13.45
N ALA A 68 4.92 -2.94 14.55
CA ALA A 68 4.15 -4.08 15.01
C ALA A 68 3.18 -4.62 13.96
N VAL A 69 2.56 -3.70 13.22
CA VAL A 69 1.63 -4.09 12.15
C VAL A 69 2.17 -3.60 10.80
N PRO A 70 2.59 -4.53 9.94
CA PRO A 70 3.01 -4.09 8.59
C PRO A 70 1.86 -3.43 7.85
N ARG A 71 2.16 -2.44 7.00
CA ARG A 71 1.11 -1.73 6.27
C ARG A 71 0.18 -2.66 5.50
N GLU A 72 0.75 -3.71 4.90
CA GLU A 72 -0.05 -4.65 4.11
C GLU A 72 -1.03 -5.45 4.94
N GLU A 73 -0.87 -5.44 6.27
CA GLU A 73 -1.75 -6.22 7.14
C GLU A 73 -2.89 -5.37 7.70
N LEU A 74 -2.94 -4.10 7.30
CA LEU A 74 -4.03 -3.21 7.70
C LEU A 74 -4.91 -2.86 6.50
N PHE A 75 -6.22 -2.83 6.71
CA PHE A 75 -7.17 -2.42 5.68
C PHE A 75 -7.70 -1.04 6.07
N VAL A 76 -7.39 -0.02 5.28
CA VAL A 76 -7.85 1.33 5.56
C VAL A 76 -8.83 1.81 4.48
N THR A 77 -10.01 2.25 4.91
CA THR A 77 -11.03 2.81 4.04
C THR A 77 -11.15 4.31 4.31
N SER A 78 -11.30 5.11 3.26
CA SER A 78 -11.79 6.48 3.46
C SER A 78 -12.86 6.78 2.41
N LYS A 79 -13.38 8.00 2.45
CA LYS A 79 -14.55 8.36 1.66
C LYS A 79 -14.43 9.75 1.08
N LEU A 80 -14.87 9.92 -0.17
CA LEU A 80 -14.95 11.20 -0.85
C LEU A 80 -16.21 11.94 -0.40
N TRP A 81 -16.03 13.14 0.13
CA TRP A 81 -17.17 13.92 0.64
C TRP A 81 -18.01 14.58 -0.48
N ASN A 82 -19.24 14.96 -0.14
CA ASN A 82 -20.25 15.45 -1.08
C ASN A 82 -19.86 16.70 -1.83
N THR A 83 -18.97 17.52 -1.25
CA THR A 83 -18.56 18.77 -1.89
C THR A 83 -17.44 18.56 -2.91
N LYS A 84 -17.00 17.32 -3.05
CA LYS A 84 -15.84 17.01 -3.89
C LYS A 84 -16.20 16.07 -5.04
N HIS A 85 -17.43 16.17 -5.52
CA HIS A 85 -17.88 15.33 -6.63
C HIS A 85 -17.46 15.81 -8.02
N HIS A 86 -17.08 17.07 -8.16
CA HIS A 86 -16.60 17.53 -9.47
C HIS A 86 -15.34 16.74 -9.83
N PRO A 87 -15.25 16.25 -11.08
CA PRO A 87 -14.11 15.40 -11.45
C PRO A 87 -12.77 16.02 -11.09
N GLU A 88 -12.63 17.34 -11.26
CA GLU A 88 -11.36 18.01 -10.97
C GLU A 88 -10.97 17.97 -9.49
N ASP A 89 -11.96 17.73 -8.62
CA ASP A 89 -11.72 17.77 -7.18
C ASP A 89 -11.46 16.41 -6.58
N VAL A 90 -11.66 15.36 -7.37
CA VAL A 90 -11.61 14.01 -6.83
C VAL A 90 -10.20 13.60 -6.43
N GLU A 91 -9.24 13.71 -7.35
CA GLU A 91 -7.87 13.36 -6.97
C GLU A 91 -7.29 14.26 -5.86
N PRO A 92 -7.49 15.58 -5.93
CA PRO A 92 -7.00 16.39 -4.81
C PRO A 92 -7.63 15.99 -3.47
N ALA A 93 -8.89 15.59 -3.47
CA ALA A 93 -9.53 15.16 -2.23
C ALA A 93 -8.88 13.89 -1.69
N LEU A 94 -8.64 12.93 -2.57
N LEU A 94 -8.64 12.94 -2.57
CA LEU A 94 -7.94 11.71 -2.17
CA LEU A 94 -7.95 11.71 -2.19
C LEU A 94 -6.52 12.00 -1.69
C LEU A 94 -6.53 12.01 -1.69
N ARG A 95 -5.82 12.89 -2.39
CA ARG A 95 -4.44 13.22 -2.00
C ARG A 95 -4.39 13.86 -0.62
N LYS A 96 -5.39 14.67 -0.30
N LYS A 96 -5.39 14.68 -0.30
CA LYS A 96 -5.48 15.32 1.00
CA LYS A 96 -5.43 15.30 1.02
C LYS A 96 -5.71 14.28 2.10
C LYS A 96 -5.67 14.25 2.10
N THR A 97 -6.58 13.31 1.80
CA THR A 97 -6.79 12.19 2.71
C THR A 97 -5.52 11.36 2.92
N LEU A 98 -4.79 11.09 1.85
CA LEU A 98 -3.53 10.34 1.99
C LEU A 98 -2.48 11.13 2.77
N ALA A 99 -2.45 12.44 2.59
CA ALA A 99 -1.50 13.27 3.33
C ALA A 99 -1.85 13.24 4.82
N ASP A 100 -3.12 13.41 5.14
CA ASP A 100 -3.55 13.41 6.51
C ASP A 100 -3.33 12.06 7.19
N LEU A 101 -3.66 10.96 6.49
CA LEU A 101 -3.51 9.63 7.05
C LEU A 101 -2.05 9.15 7.01
N GLN A 102 -1.22 9.91 6.30
CA GLN A 102 0.20 9.59 6.13
C GLN A 102 0.40 8.22 5.48
N LEU A 103 -0.38 7.97 4.43
CA LEU A 103 -0.35 6.70 3.72
C LEU A 103 -0.01 6.89 2.25
N GLU A 104 0.49 5.82 1.62
CA GLU A 104 0.77 5.79 0.18
C GLU A 104 -0.46 5.43 -0.62
N TYR A 105 -1.35 4.67 0.00
CA TYR A 105 -2.54 4.18 -0.69
C TYR A 105 -3.62 3.88 0.32
N LEU A 106 -4.85 3.81 -0.18
CA LEU A 106 -5.98 3.31 0.59
C LEU A 106 -6.34 1.92 0.10
N ASP A 107 -6.85 1.10 0.99
CA ASP A 107 -7.37 -0.19 0.59
C ASP A 107 -8.72 -0.08 -0.10
N LEU A 108 -9.49 0.93 0.29
CA LEU A 108 -10.83 1.14 -0.25
C LEU A 108 -11.18 2.62 -0.17
N TYR A 109 -11.75 3.14 -1.24
CA TYR A 109 -12.19 4.55 -1.24
C TYR A 109 -13.62 4.60 -1.75
N LEU A 110 -14.50 5.18 -0.95
CA LEU A 110 -15.93 5.19 -1.25
C LEU A 110 -16.45 6.59 -1.60
N MET A 111 -17.48 6.64 -2.46
CA MET A 111 -18.22 7.89 -2.63
C MET A 111 -19.19 7.93 -1.46
N HIS A 112 -19.04 8.91 -0.57
CA HIS A 112 -19.75 8.90 0.71
C HIS A 112 -21.28 8.93 0.56
N TRP A 113 -21.76 9.71 -0.40
CA TRP A 113 -23.19 9.77 -0.76
C TRP A 113 -23.27 9.93 -2.27
N PRO A 114 -24.41 9.55 -2.85
CA PRO A 114 -24.54 9.68 -4.32
C PRO A 114 -24.80 11.10 -4.78
N TYR A 115 -25.18 11.98 -3.85
CA TYR A 115 -25.56 13.34 -4.20
C TYR A 115 -24.52 14.37 -3.80
N ALA A 116 -24.43 15.43 -4.61
CA ALA A 116 -23.36 16.41 -4.43
C ALA A 116 -23.83 17.68 -3.72
N PHE A 117 -22.93 18.25 -2.93
CA PHE A 117 -23.14 19.56 -2.31
C PHE A 117 -22.30 20.59 -3.05
N GLU A 118 -22.66 21.87 -2.86
CA GLU A 118 -21.96 22.98 -3.52
C GLU A 118 -20.45 22.90 -3.34
N ARG A 119 -19.73 23.08 -4.44
CA ARG A 119 -18.29 22.95 -4.47
C ARG A 119 -17.60 24.04 -3.66
N GLY A 120 -16.55 23.66 -2.96
CA GLY A 120 -15.80 24.60 -2.16
C GLY A 120 -15.12 23.96 -0.97
N ASP A 121 -14.56 24.80 -0.11
CA ASP A 121 -13.78 24.33 1.04
C ASP A 121 -14.58 24.15 2.33
N ASN A 122 -15.90 24.34 2.24
CA ASN A 122 -16.78 24.17 3.39
C ASN A 122 -17.57 22.89 3.14
N PRO A 123 -17.37 21.87 4.00
CA PRO A 123 -18.07 20.58 3.80
C PRO A 123 -19.58 20.69 3.94
N PHE A 124 -20.04 21.73 4.62
CA PHE A 124 -21.47 21.97 4.77
C PHE A 124 -21.81 23.40 4.40
N PRO A 125 -21.96 23.66 3.09
CA PRO A 125 -22.25 25.02 2.61
C PRO A 125 -23.71 25.35 2.90
N LYS A 126 -23.95 25.87 4.10
CA LYS A 126 -25.32 26.04 4.60
C LYS A 126 -25.86 27.44 4.42
N ASN A 127 -27.15 27.50 4.11
CA ASN A 127 -27.91 28.73 4.13
C ASN A 127 -28.19 29.14 5.57
N ALA A 128 -28.60 30.39 5.77
CA ALA A 128 -28.86 30.93 7.10
C ALA A 128 -29.83 30.08 7.92
N ASP A 129 -30.78 29.46 7.22
CA ASP A 129 -31.84 28.68 7.83
C ASP A 129 -31.41 27.24 8.11
N GLY A 130 -30.23 26.84 7.63
CA GLY A 130 -29.70 25.53 7.96
C GLY A 130 -29.68 24.50 6.85
N THR A 131 -30.39 24.78 5.75
CA THR A 131 -30.36 23.89 4.60
C THR A 131 -28.97 23.94 3.97
N VAL A 132 -28.65 22.92 3.19
CA VAL A 132 -27.35 22.83 2.52
C VAL A 132 -27.54 23.09 1.04
N ARG A 133 -26.66 23.91 0.46
CA ARG A 133 -26.73 24.19 -0.97
C ARG A 133 -26.18 23.03 -1.79
N TYR A 134 -26.89 22.68 -2.86
CA TYR A 134 -26.55 21.50 -3.64
C TYR A 134 -25.72 21.79 -4.89
N ASP A 135 -25.22 20.73 -5.49
CA ASP A 135 -24.47 20.79 -6.75
C ASP A 135 -25.09 19.74 -7.66
N SER A 136 -25.01 19.95 -8.98
CA SER A 136 -25.71 19.11 -9.95
C SER A 136 -24.86 17.97 -10.52
N THR A 137 -23.60 17.87 -10.11
CA THR A 137 -22.72 16.82 -10.63
C THR A 137 -23.30 15.42 -10.43
N HIS A 138 -23.33 14.64 -11.50
CA HIS A 138 -23.87 13.30 -11.42
C HIS A 138 -22.83 12.31 -10.91
N TYR A 139 -23.28 11.32 -10.13
CA TYR A 139 -22.33 10.36 -9.56
C TYR A 139 -21.60 9.53 -10.62
N LYS A 140 -22.17 9.39 -11.81
CA LYS A 140 -21.46 8.72 -12.90
C LYS A 140 -20.21 9.49 -13.32
N GLU A 141 -20.29 10.81 -13.30
CA GLU A 141 -19.12 11.61 -13.68
C GLU A 141 -18.07 11.53 -12.58
N THR A 142 -18.51 11.54 -11.33
CA THR A 142 -17.61 11.38 -10.20
C THR A 142 -16.95 10.00 -10.24
N TRP A 143 -17.73 8.98 -10.60
CA TRP A 143 -17.18 7.63 -10.66
C TRP A 143 -16.04 7.51 -11.67
N LYS A 144 -16.22 8.10 -12.84
CA LYS A 144 -15.18 8.06 -13.88
C LYS A 144 -13.87 8.69 -13.40
N ALA A 145 -13.96 9.75 -12.62
CA ALA A 145 -12.79 10.40 -12.04
C ALA A 145 -12.15 9.52 -10.97
N LEU A 146 -12.97 8.82 -10.19
CA LEU A 146 -12.47 7.87 -9.20
C LEU A 146 -11.67 6.71 -9.83
N GLU A 147 -12.14 6.22 -10.98
CA GLU A 147 -11.50 5.08 -11.63
C GLU A 147 -10.01 5.31 -11.92
N VAL A 148 -9.67 6.54 -12.29
CA VAL A 148 -8.27 6.93 -12.58
C VAL A 148 -7.32 6.67 -11.41
N LEU A 149 -7.84 6.79 -10.19
CA LEU A 149 -7.05 6.63 -8.97
C LEU A 149 -6.53 5.20 -8.80
N VAL A 150 -7.25 4.23 -9.32
CA VAL A 150 -6.81 2.84 -9.23
C VAL A 150 -5.59 2.63 -10.12
N ALA A 151 -5.62 3.18 -11.33
CA ALA A 151 -4.49 3.04 -12.24
C ALA A 151 -3.23 3.70 -11.68
N LYS A 152 -3.39 4.76 -10.89
CA LYS A 152 -2.22 5.45 -10.33
C LYS A 152 -1.63 4.75 -9.13
N GLY A 153 -2.31 3.71 -8.66
CA GLY A 153 -1.88 2.94 -7.52
C GLY A 153 -2.26 3.57 -6.19
N LEU A 154 -3.10 4.59 -6.21
CA LEU A 154 -3.42 5.31 -4.97
C LEU A 154 -4.49 4.63 -4.15
N VAL A 155 -5.26 3.77 -4.79
N VAL A 155 -5.33 3.83 -4.80
CA VAL A 155 -6.39 3.10 -4.16
CA VAL A 155 -6.36 3.09 -4.09
C VAL A 155 -6.51 1.69 -4.71
C VAL A 155 -6.44 1.69 -4.69
N LYS A 156 -6.70 0.70 -3.85
CA LYS A 156 -6.79 -0.68 -4.33
C LYS A 156 -8.18 -1.03 -4.84
N ALA A 157 -9.21 -0.46 -4.22
CA ALA A 157 -10.60 -0.77 -4.57
C ALA A 157 -11.46 0.46 -4.38
N LEU A 158 -12.52 0.55 -5.18
CA LEU A 158 -13.45 1.67 -5.09
C LEU A 158 -14.78 1.10 -4.65
N GLY A 159 -15.61 1.95 -4.06
CA GLY A 159 -16.94 1.51 -3.70
C GLY A 159 -17.91 2.64 -3.47
N LEU A 160 -19.08 2.27 -2.98
CA LEU A 160 -20.21 3.19 -2.90
C LEU A 160 -20.74 3.19 -1.48
N SER A 161 -21.18 4.36 -1.03
CA SER A 161 -21.81 4.48 0.27
C SER A 161 -23.16 5.19 0.13
N ASN A 162 -24.18 4.60 0.74
CA ASN A 162 -25.52 5.16 0.71
C ASN A 162 -26.12 5.26 -0.69
N PHE A 163 -25.77 4.30 -1.56
CA PHE A 163 -26.41 4.19 -2.87
C PHE A 163 -27.54 3.19 -2.79
N ASN A 164 -28.59 3.41 -3.59
CA ASN A 164 -29.66 2.43 -3.68
C ASN A 164 -29.43 1.49 -4.85
N SER A 165 -30.30 0.49 -5.01
CA SER A 165 -30.06 -0.56 -6.01
C SER A 165 -30.02 -0.01 -7.42
N ARG A 166 -30.93 0.92 -7.72
CA ARG A 166 -30.96 1.54 -9.04
C ARG A 166 -29.67 2.31 -9.33
N GLN A 167 -29.18 3.04 -8.32
CA GLN A 167 -27.97 3.83 -8.48
C GLN A 167 -26.74 2.94 -8.65
N ILE A 168 -26.71 1.82 -7.93
CA ILE A 168 -25.62 0.86 -8.06
C ILE A 168 -25.57 0.32 -9.48
N ASP A 169 -26.72 -0.09 -9.99
CA ASP A 169 -26.77 -0.59 -11.36
C ASP A 169 -26.38 0.47 -12.39
N ASP A 170 -26.72 1.71 -12.12
CA ASP A 170 -26.36 2.83 -12.99
C ASP A 170 -24.84 2.98 -13.05
N VAL A 171 -24.18 2.94 -11.90
CA VAL A 171 -22.72 2.93 -11.88
C VAL A 171 -22.15 1.73 -12.63
N LEU A 172 -22.70 0.55 -12.37
CA LEU A 172 -22.23 -0.67 -13.03
C LEU A 172 -22.36 -0.56 -14.54
N SER A 173 -23.39 0.14 -15.00
CA SER A 173 -23.66 0.20 -16.45
C SER A 173 -22.58 0.96 -17.22
N VAL A 174 -21.79 1.77 -16.52
CA VAL A 174 -20.74 2.56 -17.18
C VAL A 174 -19.33 2.26 -16.66
N ALA A 175 -19.23 1.36 -15.70
CA ALA A 175 -17.95 1.16 -14.99
C ALA A 175 -16.88 0.44 -15.78
N SER A 176 -15.66 1.00 -15.75
N SER A 176 -15.65 0.97 -15.76
CA SER A 176 -14.48 0.30 -16.25
CA SER A 176 -14.50 0.20 -16.25
C SER A 176 -13.71 -0.31 -15.09
C SER A 176 -13.67 -0.32 -15.09
N VAL A 177 -13.91 0.24 -13.90
CA VAL A 177 -13.43 -0.35 -12.66
C VAL A 177 -14.68 -0.56 -11.84
N ARG A 178 -14.93 -1.81 -11.44
N ARG A 178 -14.97 -1.81 -11.48
CA ARG A 178 -16.17 -2.19 -10.77
CA ARG A 178 -16.23 -2.12 -10.81
C ARG A 178 -16.13 -1.86 -9.28
C ARG A 178 -16.14 -1.84 -9.32
N PRO A 179 -17.22 -1.30 -8.74
CA PRO A 179 -17.24 -1.08 -7.28
C PRO A 179 -17.15 -2.42 -6.56
N ALA A 180 -16.45 -2.46 -5.44
CA ALA A 180 -16.19 -3.72 -4.73
C ALA A 180 -17.03 -3.86 -3.47
N VAL A 181 -17.47 -2.72 -2.94
CA VAL A 181 -18.14 -2.68 -1.65
C VAL A 181 -19.27 -1.65 -1.69
N LEU A 182 -20.40 -1.98 -1.06
CA LEU A 182 -21.44 -1.01 -0.71
C LEU A 182 -21.46 -0.84 0.79
N GLN A 183 -21.40 0.40 1.28
CA GLN A 183 -21.53 0.63 2.72
C GLN A 183 -22.83 1.37 2.98
N VAL A 184 -23.66 0.80 3.87
CA VAL A 184 -24.96 1.37 4.22
C VAL A 184 -25.29 1.11 5.68
N GLU A 185 -26.28 1.84 6.22
CA GLU A 185 -26.81 1.52 7.53
C GLU A 185 -27.41 0.10 7.50
N CYS A 186 -27.14 -0.72 8.51
CA CYS A 186 -27.69 -2.06 8.52
C CYS A 186 -27.61 -2.69 9.91
N HIS A 187 -28.75 -3.23 10.34
CA HIS A 187 -28.94 -3.82 11.67
C HIS A 187 -30.29 -4.55 11.62
N PRO A 188 -30.67 -5.26 12.69
CA PRO A 188 -31.91 -6.03 12.50
C PRO A 188 -33.20 -5.22 12.24
N TYR A 189 -33.27 -3.94 12.57
CA TYR A 189 -34.47 -3.16 12.25
C TYR A 189 -34.49 -2.74 10.78
N LEU A 190 -33.32 -2.69 10.17
CA LEU A 190 -33.16 -2.34 8.76
C LEU A 190 -32.18 -3.35 8.15
N ALA A 191 -32.69 -4.54 7.88
CA ALA A 191 -31.82 -5.68 7.61
C ALA A 191 -31.19 -5.66 6.22
N GLN A 192 -31.74 -4.81 5.34
CA GLN A 192 -31.23 -4.64 3.98
C GLN A 192 -31.15 -5.94 3.20
N ASN A 193 -32.08 -6.86 3.45
CA ASN A 193 -32.04 -8.13 2.76
C ASN A 193 -32.12 -7.98 1.26
N GLU A 194 -32.96 -7.06 0.79
CA GLU A 194 -33.14 -6.89 -0.64
C GLU A 194 -31.89 -6.30 -1.27
N LEU A 195 -31.34 -5.28 -0.62
CA LEU A 195 -30.16 -4.60 -1.13
C LEU A 195 -28.91 -5.47 -1.04
N ILE A 196 -28.80 -6.29 0.02
CA ILE A 196 -27.68 -7.22 0.15
C ILE A 196 -27.74 -8.29 -0.92
N ALA A 197 -28.95 -8.81 -1.17
CA ALA A 197 -29.13 -9.80 -2.23
C ALA A 197 -28.74 -9.19 -3.59
N HIS A 198 -29.15 -7.95 -3.79
CA HIS A 198 -28.81 -7.21 -5.00
C HIS A 198 -27.30 -7.11 -5.16
N CYS A 199 -26.61 -6.71 -4.08
CA CYS A 199 -25.15 -6.57 -4.14
C CYS A 199 -24.46 -7.90 -4.40
N HIS A 200 -24.94 -8.95 -3.76
CA HIS A 200 -24.32 -10.26 -3.95
C HIS A 200 -24.46 -10.71 -5.41
N ALA A 201 -25.60 -10.40 -6.01
CA ALA A 201 -25.83 -10.70 -7.43
C ALA A 201 -24.96 -9.85 -8.36
N ARG A 202 -24.38 -8.77 -7.84
CA ARG A 202 -23.54 -7.89 -8.65
C ARG A 202 -22.06 -8.00 -8.31
N GLY A 203 -21.72 -8.85 -7.36
CA GLY A 203 -20.34 -9.04 -6.95
C GLY A 203 -19.81 -8.03 -5.95
N LEU A 204 -20.69 -7.29 -5.30
CA LEU A 204 -20.26 -6.33 -4.27
C LEU A 204 -20.43 -6.95 -2.89
N GLU A 205 -19.47 -6.69 -2.00
CA GLU A 205 -19.63 -7.07 -0.60
C GLU A 205 -20.26 -5.90 0.13
N VAL A 206 -20.90 -6.17 1.26
CA VAL A 206 -21.63 -5.13 1.97
C VAL A 206 -21.05 -4.84 3.34
N THR A 207 -20.86 -3.55 3.64
CA THR A 207 -20.44 -3.10 4.96
C THR A 207 -21.58 -2.38 5.67
N ALA A 208 -21.81 -2.76 6.93
CA ALA A 208 -22.86 -2.14 7.77
C ALA A 208 -22.28 -1.09 8.71
N TYR A 209 -22.75 0.15 8.61
CA TYR A 209 -22.55 1.09 9.71
C TYR A 209 -23.81 1.12 10.57
N SER A 210 -23.68 1.71 11.76
N SER A 210 -23.69 1.72 11.75
CA SER A 210 -24.72 1.64 12.77
CA SER A 210 -24.74 1.63 12.77
C SER A 210 -25.23 0.21 13.05
C SER A 210 -25.24 0.20 13.05
N PRO A 211 -24.32 -0.79 13.12
CA PRO A 211 -24.85 -2.16 13.33
C PRO A 211 -25.45 -2.40 14.72
N LEU A 212 -25.22 -1.49 15.65
CA LEU A 212 -25.77 -1.64 17.00
C LEU A 212 -27.01 -0.79 17.19
N GLY A 213 -27.53 -0.23 16.11
CA GLY A 213 -28.82 0.45 16.17
C GLY A 213 -28.83 1.86 16.73
N SER A 214 -27.67 2.51 16.76
CA SER A 214 -27.59 3.94 17.08
C SER A 214 -28.35 4.31 18.35
N SER A 215 -28.03 3.65 19.46
N SER A 215 -28.03 3.64 19.46
CA SER A 215 -28.71 3.97 20.72
CA SER A 215 -28.65 3.96 20.74
C SER A 215 -28.37 5.39 21.19
C SER A 215 -28.39 5.40 21.16
N ASP A 216 -27.34 5.99 20.60
CA ASP A 216 -27.00 7.37 20.90
C ASP A 216 -27.99 8.34 20.23
N ARG A 217 -28.83 7.83 19.35
CA ARG A 217 -29.86 8.64 18.66
C ARG A 217 -31.26 8.30 19.14
N ALA A 218 -31.37 7.39 20.11
CA ALA A 218 -32.68 6.93 20.59
C ALA A 218 -33.53 8.08 21.08
N TRP A 219 -32.90 9.06 21.72
CA TRP A 219 -33.63 10.19 22.29
C TRP A 219 -34.41 11.00 21.26
N ARG A 220 -34.06 10.86 19.99
CA ARG A 220 -34.81 11.53 18.92
C ARG A 220 -36.24 11.01 18.80
N HIS A 221 -36.45 9.76 19.21
CA HIS A 221 -37.77 9.15 19.19
C HIS A 221 -37.93 8.34 20.46
N PRO A 222 -38.21 9.04 21.58
CA PRO A 222 -38.10 8.47 22.92
C PRO A 222 -39.07 7.31 23.21
N ASP A 223 -40.11 7.17 22.40
CA ASP A 223 -41.07 6.10 22.62
C ASP A 223 -40.78 4.85 21.75
N GLU A 224 -39.78 4.94 20.89
CA GLU A 224 -39.36 3.79 20.10
C GLU A 224 -38.52 2.83 20.93
N PRO A 225 -38.58 1.53 20.62
CA PRO A 225 -37.77 0.57 21.36
C PRO A 225 -36.30 0.71 21.04
N VAL A 226 -35.45 0.33 21.98
CA VAL A 226 -34.01 0.32 21.79
C VAL A 226 -33.58 -1.07 21.30
N LEU A 227 -32.88 -1.12 20.17
CA LEU A 227 -32.50 -2.40 19.55
C LEU A 227 -31.72 -3.31 20.50
N LEU A 228 -30.75 -2.73 21.21
CA LEU A 228 -29.92 -3.48 22.13
C LEU A 228 -30.70 -4.06 23.31
N GLU A 229 -31.93 -3.56 23.50
CA GLU A 229 -32.77 -4.05 24.59
C GLU A 229 -33.92 -4.94 24.13
N GLU A 230 -34.00 -5.22 22.82
CA GLU A 230 -35.05 -6.11 22.32
C GLU A 230 -35.03 -7.44 23.08
N PRO A 231 -36.20 -7.91 23.54
CA PRO A 231 -36.24 -9.16 24.28
C PRO A 231 -35.52 -10.34 23.63
N VAL A 232 -35.61 -10.47 22.30
CA VAL A 232 -34.91 -11.58 21.65
C VAL A 232 -33.39 -11.41 21.72
N VAL A 233 -32.93 -10.17 21.68
CA VAL A 233 -31.49 -9.89 21.77
C VAL A 233 -31.01 -10.22 23.17
N LEU A 234 -31.78 -9.83 24.17
CA LEU A 234 -31.41 -10.13 25.56
C LEU A 234 -31.43 -11.64 25.81
N ALA A 235 -32.39 -12.35 25.21
CA ALA A 235 -32.48 -13.79 25.38
C ALA A 235 -31.31 -14.51 24.71
N LEU A 236 -30.92 -14.05 23.53
CA LEU A 236 -29.75 -14.61 22.86
C LEU A 236 -28.47 -14.33 23.66
N ALA A 237 -28.38 -13.13 24.21
CA ALA A 237 -27.23 -12.75 25.03
C ALA A 237 -27.07 -13.73 26.19
N GLU A 238 -28.17 -14.02 26.88
CA GLU A 238 -28.11 -14.95 28.01
C GLU A 238 -27.79 -16.38 27.58
N LYS A 239 -28.45 -16.85 26.54
CA LYS A 239 -28.25 -18.20 26.02
C LYS A 239 -26.79 -18.45 25.67
N HIS A 240 -26.17 -17.47 25.01
CA HIS A 240 -24.80 -17.62 24.50
C HIS A 240 -23.73 -17.08 25.44
N GLY A 241 -24.13 -16.39 26.50
CA GLY A 241 -23.18 -15.78 27.41
C GLY A 241 -22.34 -14.75 26.69
N ARG A 242 -22.99 -13.91 25.90
CA ARG A 242 -22.34 -12.85 25.16
C ARG A 242 -23.13 -11.56 25.38
N SER A 243 -22.53 -10.42 25.06
CA SER A 243 -23.22 -9.15 25.24
C SER A 243 -24.22 -8.93 24.11
N PRO A 244 -25.25 -8.10 24.36
CA PRO A 244 -26.19 -7.74 23.29
C PRO A 244 -25.49 -7.20 22.05
N ALA A 245 -24.45 -6.39 22.22
CA ALA A 245 -23.71 -5.86 21.06
C ALA A 245 -23.11 -7.01 20.26
N GLN A 246 -22.55 -8.00 20.95
CA GLN A 246 -21.97 -9.16 20.29
C GLN A 246 -23.00 -9.99 19.55
N ILE A 247 -24.22 -10.04 20.08
CA ILE A 247 -25.31 -10.73 19.40
C ILE A 247 -25.61 -10.05 18.04
N LEU A 248 -25.69 -8.72 18.05
CA LEU A 248 -26.05 -7.97 16.85
C LEU A 248 -24.95 -8.05 15.80
N LEU A 249 -23.71 -8.02 16.26
CA LEU A 249 -22.57 -8.16 15.36
C LEU A 249 -22.43 -9.59 14.80
N ARG A 250 -22.62 -10.60 15.64
CA ARG A 250 -22.53 -11.98 15.16
C ARG A 250 -23.55 -12.27 14.06
N TRP A 251 -24.76 -11.72 14.21
CA TRP A 251 -25.79 -11.89 13.21
C TRP A 251 -25.27 -11.45 11.86
N GLN A 252 -24.61 -10.29 11.83
CA GLN A 252 -24.08 -9.78 10.58
C GLN A 252 -22.92 -10.62 10.06
N VAL A 253 -22.01 -11.00 10.96
CA VAL A 253 -20.88 -11.87 10.59
C VAL A 253 -21.34 -13.12 9.87
N GLN A 254 -22.41 -13.73 10.39
CA GLN A 254 -22.93 -14.97 9.81
C GLN A 254 -23.61 -14.72 8.47
N ARG A 255 -24.10 -13.51 8.26
CA ARG A 255 -24.70 -13.09 6.99
C ARG A 255 -23.61 -12.67 6.00
N LYS A 256 -22.35 -12.73 6.43
CA LYS A 256 -21.19 -12.26 5.65
C LYS A 256 -21.26 -10.76 5.37
N VAL A 257 -21.84 -10.02 6.31
CA VAL A 257 -21.89 -8.57 6.22
C VAL A 257 -20.81 -8.00 7.14
N ILE A 258 -19.90 -7.23 6.55
CA ILE A 258 -18.84 -6.55 7.26
C ILE A 258 -19.45 -5.50 8.20
N CYS A 259 -18.92 -5.36 9.41
CA CYS A 259 -19.45 -4.37 10.36
C CYS A 259 -18.37 -3.41 10.81
N ILE A 260 -18.72 -2.13 10.92
CA ILE A 260 -17.78 -1.11 11.39
C ILE A 260 -18.32 -0.30 12.56
N PRO A 261 -18.58 -0.98 13.69
CA PRO A 261 -19.12 -0.27 14.86
C PRO A 261 -18.18 0.84 15.33
N LYS A 262 -18.73 2.05 15.49
CA LYS A 262 -17.95 3.18 15.94
C LYS A 262 -17.89 3.19 17.47
N SER A 263 -16.71 3.48 18.01
CA SER A 263 -16.56 3.61 19.47
C SER A 263 -15.24 4.22 19.81
N ILE A 264 -15.17 4.88 20.97
CA ILE A 264 -13.88 5.26 21.55
C ILE A 264 -13.70 4.60 22.92
N ASN A 265 -14.64 3.74 23.30
CA ASN A 265 -14.62 3.11 24.61
C ASN A 265 -13.81 1.81 24.57
N PRO A 266 -12.76 1.72 25.41
CA PRO A 266 -11.89 0.54 25.35
C PRO A 266 -12.62 -0.79 25.58
N SER A 267 -13.56 -0.85 26.52
N SER A 267 -13.54 -0.83 26.54
CA SER A 267 -14.24 -2.11 26.78
CA SER A 267 -14.28 -2.06 26.82
C SER A 267 -15.13 -2.51 25.62
C SER A 267 -15.12 -2.49 25.63
N ARG A 268 -15.79 -1.53 25.01
CA ARG A 268 -16.70 -1.84 23.91
C ARG A 268 -15.94 -2.14 22.62
N ILE A 269 -14.86 -1.40 22.39
CA ILE A 269 -13.98 -1.70 21.26
C ILE A 269 -13.52 -3.16 21.29
N LEU A 270 -13.08 -3.61 22.47
CA LEU A 270 -12.62 -4.99 22.64
C LEU A 270 -13.74 -6.01 22.41
N GLN A 271 -14.89 -5.76 23.05
N GLN A 271 -14.91 -5.79 23.02
CA GLN A 271 -16.05 -6.63 22.94
CA GLN A 271 -15.97 -6.80 22.89
C GLN A 271 -16.46 -6.83 21.49
C GLN A 271 -16.55 -6.85 21.48
N ASN A 272 -16.46 -5.74 20.75
CA ASN A 272 -17.03 -5.70 19.40
C ASN A 272 -16.32 -6.58 18.38
N ILE A 273 -15.09 -6.98 18.64
CA ILE A 273 -14.39 -7.86 17.73
C ILE A 273 -14.39 -9.33 18.18
N GLN A 274 -14.94 -9.59 19.36
CA GLN A 274 -15.02 -10.95 19.89
C GLN A 274 -16.31 -11.64 19.44
N VAL A 275 -16.42 -11.85 18.13
CA VAL A 275 -17.65 -12.38 17.53
C VAL A 275 -17.42 -13.59 16.62
N PHE A 276 -16.28 -14.24 16.78
CA PHE A 276 -15.93 -15.34 15.88
C PHE A 276 -15.86 -16.69 16.57
N ASP A 277 -16.28 -16.74 17.83
CA ASP A 277 -16.15 -17.96 18.62
C ASP A 277 -17.48 -18.49 19.16
N PHE A 278 -18.58 -18.03 18.55
CA PHE A 278 -19.89 -18.63 18.82
C PHE A 278 -20.70 -18.58 17.53
N THR A 279 -21.77 -19.36 17.47
N THR A 279 -21.81 -19.30 17.50
CA THR A 279 -22.58 -19.44 16.26
CA THR A 279 -22.57 -19.51 16.27
C THR A 279 -24.07 -19.42 16.58
C THR A 279 -24.06 -19.45 16.57
N PHE A 280 -24.85 -18.91 15.64
CA PHE A 280 -26.31 -18.95 15.74
C PHE A 280 -26.84 -20.09 14.87
N SER A 281 -27.90 -20.74 15.36
CA SER A 281 -28.61 -21.77 14.62
C SER A 281 -29.48 -21.11 13.56
N PRO A 282 -30.00 -21.90 12.59
CA PRO A 282 -30.94 -21.33 11.64
C PRO A 282 -32.17 -20.72 12.31
N GLU A 283 -32.67 -21.36 13.37
CA GLU A 283 -33.81 -20.84 14.13
C GLU A 283 -33.51 -19.47 14.75
N GLU A 284 -32.33 -19.32 15.33
CA GLU A 284 -31.93 -18.03 15.91
C GLU A 284 -31.79 -16.94 14.85
N MET A 285 -31.21 -17.27 13.70
CA MET A 285 -31.13 -16.30 12.62
C MET A 285 -32.52 -15.84 12.20
N LYS A 286 -33.47 -16.76 12.16
CA LYS A 286 -34.85 -16.42 11.79
C LYS A 286 -35.53 -15.57 12.86
N GLN A 287 -35.19 -15.79 14.13
CA GLN A 287 -35.72 -14.95 15.21
C GLN A 287 -35.20 -13.51 15.08
N LEU A 288 -33.92 -13.38 14.75
CA LEU A 288 -33.37 -12.04 14.53
C LEU A 288 -33.98 -11.40 13.28
N ASP A 289 -34.33 -12.22 12.28
CA ASP A 289 -34.96 -11.70 11.08
C ASP A 289 -36.32 -11.06 11.37
N ALA A 290 -36.97 -11.52 12.43
CA ALA A 290 -38.31 -11.04 12.77
C ALA A 290 -38.32 -9.57 13.17
N LEU A 291 -37.15 -9.04 13.53
CA LEU A 291 -37.06 -7.64 13.95
C LEU A 291 -37.13 -6.64 12.80
N ASN A 292 -36.99 -7.13 11.57
CA ASN A 292 -36.91 -6.25 10.40
C ASN A 292 -38.19 -5.42 10.25
N LYS A 293 -38.05 -4.11 10.19
CA LYS A 293 -39.23 -3.22 10.17
C LYS A 293 -39.06 -1.92 9.41
N ASN A 294 -37.99 -1.82 8.61
CA ASN A 294 -37.73 -0.65 7.78
C ASN A 294 -37.58 0.62 8.61
N TRP A 295 -36.86 0.51 9.73
CA TRP A 295 -36.57 1.67 10.56
C TRP A 295 -35.16 2.15 10.28
N ARG A 296 -35.06 3.34 9.70
CA ARG A 296 -33.79 3.93 9.29
C ARG A 296 -33.39 5.10 10.22
N TYR A 297 -32.27 4.94 10.93
CA TYR A 297 -31.82 5.99 11.85
C TYR A 297 -31.05 7.10 11.15
N ILE A 298 -30.29 6.75 10.13
CA ILE A 298 -29.31 7.67 9.58
C ILE A 298 -29.80 8.33 8.30
N VAL A 299 -30.49 9.45 8.49
CA VAL A 299 -31.09 10.25 7.43
C VAL A 299 -30.79 11.67 7.82
N PRO A 300 -30.21 12.47 6.90
CA PRO A 300 -29.96 13.86 7.30
C PRO A 300 -31.27 14.60 7.55
N MET A 301 -31.36 15.24 8.71
CA MET A 301 -32.59 15.91 9.15
C MET A 301 -32.36 17.38 9.43
N ILE A 302 -33.46 18.11 9.56
CA ILE A 302 -33.39 19.53 9.85
C ILE A 302 -34.65 19.91 10.61
N THR A 303 -34.54 20.86 11.52
CA THR A 303 -35.69 21.29 12.30
C THR A 303 -36.46 22.36 11.56
N VAL A 304 -37.76 22.13 11.37
CA VAL A 304 -38.66 23.11 10.77
C VAL A 304 -39.86 23.27 11.67
N ASP A 305 -40.01 24.47 12.25
CA ASP A 305 -41.08 24.77 13.20
C ASP A 305 -41.25 23.68 14.26
N GLY A 306 -40.15 23.33 14.92
CA GLY A 306 -40.19 22.47 16.09
C GLY A 306 -40.21 21.00 15.78
N LYS A 307 -40.19 20.64 14.49
CA LYS A 307 -40.22 19.25 14.09
C LYS A 307 -39.03 18.91 13.19
N ARG A 308 -38.50 17.70 13.34
CA ARG A 308 -37.43 17.22 12.47
C ARG A 308 -38.02 16.60 11.22
N VAL A 309 -37.55 17.06 10.05
CA VAL A 309 -37.99 16.51 8.77
C VAL A 309 -36.75 16.20 7.94
N PRO A 310 -36.88 15.32 6.93
CA PRO A 310 -35.69 15.01 6.13
C PRO A 310 -35.20 16.25 5.39
N ARG A 311 -33.88 16.41 5.30
CA ARG A 311 -33.30 17.62 4.72
C ARG A 311 -33.06 17.47 3.23
N ASP A 312 -32.67 16.27 2.81
CA ASP A 312 -32.12 16.11 1.47
C ASP A 312 -33.00 15.35 0.49
N ALA A 313 -34.24 15.07 0.89
CA ALA A 313 -35.12 14.20 0.10
C ALA A 313 -35.55 14.81 -1.23
N GLY A 314 -35.30 16.11 -1.41
CA GLY A 314 -35.60 16.78 -2.66
C GLY A 314 -34.43 16.84 -3.64
N HIS A 315 -33.26 16.37 -3.22
CA HIS A 315 -32.13 16.29 -4.14
C HIS A 315 -32.45 15.25 -5.19
N PRO A 316 -32.18 15.57 -6.46
CA PRO A 316 -32.47 14.61 -7.54
C PRO A 316 -31.78 13.26 -7.36
N LEU A 317 -30.63 13.24 -6.67
CA LEU A 317 -29.89 12.01 -6.52
C LEU A 317 -29.99 11.42 -5.12
N TYR A 318 -31.01 11.82 -4.36
CA TYR A 318 -31.24 11.24 -3.05
C TYR A 318 -31.50 9.75 -3.16
N PRO A 319 -30.92 8.94 -2.25
CA PRO A 319 -31.05 7.49 -2.38
C PRO A 319 -32.25 6.85 -1.68
N PHE A 320 -32.92 7.57 -0.78
CA PHE A 320 -33.89 6.88 0.08
C PHE A 320 -35.36 7.02 -0.30
N ASN A 321 -35.62 7.44 -1.53
CA ASN A 321 -37.00 7.53 -2.03
C ASN A 321 -37.49 6.22 -2.67
N ASP A 322 -36.55 5.39 -3.13
CA ASP A 322 -36.89 4.06 -3.67
C ASP A 322 -37.05 3.05 -2.53
N PRO A 323 -37.80 1.96 -2.77
CA PRO A 323 -37.95 0.93 -1.74
C PRO A 323 -36.59 0.36 -1.27
N TYR A 324 -35.67 0.08 -2.19
CA TYR A 324 -34.30 -0.30 -1.81
C TYR A 324 -33.36 -0.07 -2.98
N ALA B 2 15.45 -21.09 -0.07
CA ALA B 2 14.74 -19.84 0.20
C ALA B 2 15.18 -18.77 -0.79
N SER B 3 14.24 -18.04 -1.35
CA SER B 3 14.54 -17.14 -2.45
C SER B 3 14.47 -15.65 -2.10
N SER B 4 14.37 -15.34 -0.82
CA SER B 4 14.39 -13.94 -0.38
CA SER B 4 14.33 -13.96 -0.35
C SER B 4 15.19 -13.78 0.90
N VAL B 5 15.54 -12.54 1.20
CA VAL B 5 16.16 -12.19 2.48
C VAL B 5 15.28 -11.18 3.20
N LEU B 6 15.33 -11.18 4.53
CA LEU B 6 14.56 -10.23 5.32
C LEU B 6 15.34 -8.95 5.59
N LEU B 7 14.76 -7.81 5.23
CA LEU B 7 15.34 -6.52 5.58
C LEU B 7 14.99 -6.19 7.02
N HIS B 8 15.65 -5.18 7.58
CA HIS B 8 15.40 -4.85 8.98
C HIS B 8 13.98 -4.35 9.22
N THR B 9 13.32 -3.95 8.14
CA THR B 9 11.94 -3.47 8.19
C THR B 9 10.92 -4.59 8.28
N GLY B 10 11.37 -5.83 8.09
CA GLY B 10 10.45 -6.96 8.01
C GLY B 10 10.12 -7.36 6.58
N GLN B 11 10.50 -6.52 5.61
CA GLN B 11 10.23 -6.81 4.20
C GLN B 11 11.01 -8.00 3.68
N LYS B 12 10.35 -8.83 2.88
CA LYS B 12 11.06 -9.87 2.13
C LYS B 12 11.53 -9.32 0.80
N MET B 13 12.84 -9.33 0.56
CA MET B 13 13.39 -8.85 -0.71
C MET B 13 13.95 -10.02 -1.51
N PRO B 14 13.38 -10.27 -2.70
CA PRO B 14 13.80 -11.45 -3.48
C PRO B 14 15.28 -11.41 -3.85
N LEU B 15 15.95 -12.55 -3.73
CA LEU B 15 17.39 -12.65 -3.99
C LEU B 15 17.79 -12.46 -5.45
N ILE B 16 16.83 -12.60 -6.37
CA ILE B 16 17.07 -12.28 -7.77
C ILE B 16 16.09 -11.21 -8.21
N GLY B 17 16.60 -10.16 -8.83
CA GLY B 17 15.75 -9.16 -9.45
C GLY B 17 16.25 -8.82 -10.84
N LEU B 18 15.39 -8.19 -11.64
CA LEU B 18 15.79 -7.79 -13.00
C LEU B 18 16.44 -6.43 -12.97
N GLY B 19 17.70 -6.39 -13.38
CA GLY B 19 18.38 -5.12 -13.52
C GLY B 19 17.91 -4.48 -14.82
N THR B 20 17.64 -3.18 -14.75
CA THR B 20 17.29 -2.40 -15.94
C THR B 20 18.36 -1.34 -16.16
N TRP B 21 18.38 -0.76 -17.34
CA TRP B 21 19.31 0.31 -17.63
C TRP B 21 18.81 1.03 -18.86
N LYS B 22 19.55 2.03 -19.33
CA LYS B 22 19.12 2.78 -20.50
C LYS B 22 18.97 1.82 -21.67
N SER B 23 17.83 1.89 -22.35
CA SER B 23 17.55 0.96 -23.41
C SER B 23 16.72 1.62 -24.49
N GLU B 24 16.74 1.05 -25.68
CA GLU B 24 15.94 1.58 -26.78
C GLU B 24 14.47 1.44 -26.40
N PRO B 25 13.65 2.44 -26.77
CA PRO B 25 12.22 2.36 -26.46
C PRO B 25 11.62 1.05 -26.97
N GLY B 26 11.01 0.30 -26.06
CA GLY B 26 10.45 -1.00 -26.40
C GLY B 26 11.21 -2.16 -25.78
N GLN B 27 12.51 -1.98 -25.56
CA GLN B 27 13.32 -3.07 -25.05
C GLN B 27 13.00 -3.46 -23.62
N VAL B 28 12.84 -2.46 -22.75
CA VAL B 28 12.63 -2.79 -21.34
C VAL B 28 11.22 -3.34 -21.11
N LYS B 29 10.24 -2.90 -21.91
CA LYS B 29 8.90 -3.44 -21.78
C LYS B 29 8.89 -4.94 -22.11
N ALA B 30 9.61 -5.33 -23.15
CA ALA B 30 9.68 -6.74 -23.49
C ALA B 30 10.40 -7.53 -22.42
N ALA B 31 11.47 -6.95 -21.85
CA ALA B 31 12.26 -7.65 -20.83
C ALA B 31 11.41 -7.88 -19.59
N ILE B 32 10.62 -6.88 -19.22
CA ILE B 32 9.75 -7.00 -18.06
C ILE B 32 8.70 -8.09 -18.27
N LYS B 33 8.12 -8.14 -19.47
CA LYS B 33 7.17 -9.19 -19.82
C LYS B 33 7.78 -10.57 -19.60
N HIS B 34 8.99 -10.77 -20.10
CA HIS B 34 9.65 -12.08 -19.96
C HIS B 34 10.05 -12.36 -18.50
N ALA B 35 10.52 -11.33 -17.81
CA ALA B 35 10.90 -11.48 -16.40
C ALA B 35 9.71 -11.88 -15.54
N LEU B 36 8.59 -11.18 -15.68
CA LEU B 36 7.41 -11.51 -14.88
C LEU B 36 6.93 -12.95 -15.16
N SER B 37 6.95 -13.33 -16.44
CA SER B 37 6.57 -14.69 -16.84
C SER B 37 7.49 -15.75 -16.23
N ALA B 38 8.78 -15.42 -16.16
CA ALA B 38 9.80 -16.29 -15.59
C ALA B 38 9.74 -16.34 -14.06
N GLY B 39 8.91 -15.50 -13.46
CA GLY B 39 8.74 -15.52 -12.02
C GLY B 39 9.53 -14.48 -11.24
N TYR B 40 10.16 -13.53 -11.94
CA TYR B 40 10.79 -12.41 -11.23
C TYR B 40 9.72 -11.64 -10.47
N ARG B 41 10.03 -11.27 -9.24
CA ARG B 41 9.11 -10.46 -8.42
C ARG B 41 9.88 -9.31 -7.77
N HIS B 42 10.94 -8.90 -8.45
CA HIS B 42 11.82 -7.84 -7.97
C HIS B 42 12.34 -7.15 -9.23
N ILE B 43 12.11 -5.85 -9.33
N ILE B 43 12.09 -5.85 -9.34
CA ILE B 43 12.60 -5.09 -10.46
CA ILE B 43 12.55 -5.04 -10.47
C ILE B 43 13.37 -3.86 -9.97
C ILE B 43 13.37 -3.86 -9.97
N ASP B 44 14.55 -3.66 -10.55
CA ASP B 44 15.42 -2.56 -10.13
C ASP B 44 15.45 -1.49 -11.20
N CYS B 45 15.07 -0.28 -10.82
CA CYS B 45 14.90 0.85 -11.73
C CYS B 45 15.75 2.03 -11.27
N ALA B 46 15.89 3.03 -12.11
CA ALA B 46 16.47 4.31 -11.71
C ALA B 46 15.98 5.40 -12.63
N SER B 47 15.73 6.58 -12.08
CA SER B 47 15.25 7.70 -12.89
C SER B 47 16.23 8.05 -14.00
N VAL B 48 17.53 7.94 -13.72
CA VAL B 48 18.54 8.37 -14.67
C VAL B 48 18.55 7.51 -15.95
N TYR B 49 17.99 6.32 -15.89
CA TYR B 49 17.98 5.44 -17.07
C TYR B 49 16.96 5.95 -18.10
N GLY B 50 16.05 6.82 -17.64
CA GLY B 50 15.13 7.50 -18.53
C GLY B 50 14.03 6.62 -19.11
N ASN B 51 13.78 5.48 -18.48
CA ASN B 51 12.78 4.53 -18.97
C ASN B 51 11.69 4.17 -17.96
N GLU B 52 11.53 4.94 -16.91
CA GLU B 52 10.54 4.58 -15.89
C GLU B 52 9.10 4.63 -16.38
N THR B 53 8.80 5.52 -17.34
CA THR B 53 7.46 5.57 -17.91
C THR B 53 7.14 4.26 -18.63
N GLU B 54 8.07 3.79 -19.46
CA GLU B 54 7.90 2.50 -20.13
C GLU B 54 7.80 1.34 -19.14
N ILE B 55 8.62 1.36 -18.10
CA ILE B 55 8.53 0.34 -17.07
C ILE B 55 7.15 0.37 -16.41
N GLY B 56 6.65 1.57 -16.12
CA GLY B 56 5.32 1.72 -15.54
C GLY B 56 4.23 1.07 -16.38
N GLU B 57 4.30 1.29 -17.69
CA GLU B 57 3.34 0.70 -18.62
C GLU B 57 3.44 -0.83 -18.61
N ALA B 58 4.66 -1.35 -18.62
CA ALA B 58 4.88 -2.79 -18.62
C ALA B 58 4.33 -3.44 -17.36
N LEU B 59 4.58 -2.84 -16.20
CA LEU B 59 4.09 -3.41 -14.94
C LEU B 59 2.59 -3.36 -14.87
N LYS B 60 1.98 -2.32 -15.45
CA LYS B 60 0.53 -2.14 -15.34
C LYS B 60 -0.24 -3.27 -16.04
N GLU B 61 0.41 -3.92 -17.00
CA GLU B 61 -0.23 -5.03 -17.71
C GLU B 61 -0.53 -6.20 -16.79
N SER B 62 0.28 -6.40 -15.75
N SER B 62 0.27 -6.38 -15.74
CA SER B 62 0.20 -7.61 -14.95
CA SER B 62 0.24 -7.61 -14.96
C SER B 62 0.19 -7.41 -13.44
C SER B 62 0.24 -7.41 -13.44
N VAL B 63 0.46 -6.18 -12.99
CA VAL B 63 0.66 -5.91 -11.57
C VAL B 63 -0.36 -4.91 -11.00
N GLY B 64 -1.09 -5.34 -9.96
CA GLY B 64 -2.09 -4.48 -9.35
C GLY B 64 -3.32 -5.23 -8.85
N SER B 65 -4.38 -4.48 -8.51
N SER B 65 -4.37 -4.48 -8.50
CA SER B 65 -5.61 -5.07 -7.99
CA SER B 65 -5.61 -5.07 -7.99
C SER B 65 -6.30 -5.99 -8.97
C SER B 65 -6.30 -6.00 -8.97
N GLY B 66 -6.55 -7.23 -8.53
CA GLY B 66 -7.23 -8.21 -9.35
C GLY B 66 -6.41 -8.66 -10.55
N LYS B 67 -5.16 -8.23 -10.60
CA LYS B 67 -4.28 -8.60 -11.71
C LYS B 67 -3.47 -9.84 -11.34
N ALA B 68 -2.73 -10.37 -12.30
CA ALA B 68 -2.02 -11.63 -12.10
C ALA B 68 -1.06 -11.56 -10.90
N VAL B 69 -0.42 -10.41 -10.73
CA VAL B 69 0.54 -10.24 -9.64
C VAL B 69 0.05 -9.10 -8.75
N PRO B 70 -0.43 -9.43 -7.55
CA PRO B 70 -0.80 -8.36 -6.63
C PRO B 70 0.37 -7.41 -6.42
N ARG B 71 0.09 -6.12 -6.20
CA ARG B 71 1.14 -5.15 -5.96
C ARG B 71 2.04 -5.56 -4.79
N GLU B 72 1.44 -6.12 -3.75
CA GLU B 72 2.20 -6.51 -2.56
C GLU B 72 3.18 -7.67 -2.81
N GLU B 73 3.02 -8.35 -3.95
CA GLU B 73 3.91 -9.47 -4.27
C GLU B 73 5.08 -9.04 -5.15
N LEU B 74 5.10 -7.76 -5.52
CA LEU B 74 6.21 -7.23 -6.33
C LEU B 74 7.09 -6.31 -5.47
N PHE B 75 8.40 -6.41 -5.67
CA PHE B 75 9.35 -5.54 -4.99
C PHE B 75 9.96 -4.61 -6.03
N VAL B 76 9.71 -3.31 -5.89
CA VAL B 76 10.16 -2.32 -6.85
C VAL B 76 11.14 -1.37 -6.20
N THR B 77 12.33 -1.26 -6.79
CA THR B 77 13.34 -0.32 -6.32
C THR B 77 13.52 0.78 -7.35
N SER B 78 13.67 2.03 -6.90
CA SER B 78 14.23 3.06 -7.77
C SER B 78 15.31 3.86 -7.03
N LYS B 79 15.86 4.87 -7.70
CA LYS B 79 17.02 5.60 -7.19
C LYS B 79 16.93 7.08 -7.48
N LEU B 80 17.33 7.88 -6.49
CA LEU B 80 17.40 9.32 -6.60
C LEU B 80 18.69 9.69 -7.33
N TRP B 81 18.58 10.48 -8.39
CA TRP B 81 19.76 10.81 -9.19
C TRP B 81 20.59 11.96 -8.58
N ASN B 82 21.85 12.05 -9.01
CA ASN B 82 22.82 12.99 -8.45
C ASN B 82 22.42 14.45 -8.50
N THR B 83 21.61 14.82 -9.49
CA THR B 83 21.15 16.20 -9.63
C THR B 83 20.02 16.58 -8.68
N LYS B 84 19.55 15.60 -7.92
CA LYS B 84 18.38 15.79 -7.05
C LYS B 84 18.68 15.65 -5.56
N HIS B 85 19.92 15.97 -5.17
CA HIS B 85 20.32 15.88 -3.77
C HIS B 85 19.93 17.08 -2.87
N HIS B 86 19.59 18.22 -3.46
CA HIS B 86 19.09 19.32 -2.62
C HIS B 86 17.81 18.86 -1.96
N PRO B 87 17.69 19.09 -0.64
CA PRO B 87 16.51 18.60 0.10
C PRO B 87 15.18 18.92 -0.58
N GLU B 88 15.03 20.14 -1.12
CA GLU B 88 13.78 20.54 -1.76
C GLU B 88 13.47 19.76 -3.04
N ASP B 89 14.49 19.10 -3.61
CA ASP B 89 14.30 18.38 -4.86
C ASP B 89 14.00 16.90 -4.65
N VAL B 90 14.17 16.42 -3.43
CA VAL B 90 14.04 14.98 -3.17
C VAL B 90 12.62 14.45 -3.35
N GLU B 91 11.65 15.07 -2.67
CA GLU B 91 10.27 14.60 -2.84
C GLU B 91 9.74 14.75 -4.28
N PRO B 92 9.99 15.91 -4.92
CA PRO B 92 9.53 16.00 -6.33
C PRO B 92 10.13 14.91 -7.23
N ALA B 93 11.38 14.52 -6.98
CA ALA B 93 12.00 13.47 -7.79
C ALA B 93 11.32 12.12 -7.55
N LEU B 94 11.03 11.83 -6.28
CA LEU B 94 10.32 10.61 -5.93
C LEU B 94 8.91 10.61 -6.54
N ARG B 95 8.22 11.74 -6.43
CA ARG B 95 6.87 11.85 -6.98
C ARG B 95 6.86 11.62 -8.49
N LYS B 96 7.87 12.15 -9.19
CA LYS B 96 7.95 11.92 -10.63
C LYS B 96 8.15 10.44 -10.92
N THR B 97 9.03 9.81 -10.13
CA THR B 97 9.25 8.37 -10.27
C THR B 97 7.95 7.57 -10.04
N LEU B 98 7.19 7.91 -9.01
CA LEU B 98 5.92 7.22 -8.76
C LEU B 98 4.90 7.48 -9.86
N ALA B 99 4.89 8.69 -10.42
CA ALA B 99 3.93 9.00 -11.48
C ALA B 99 4.31 8.21 -12.73
N ASP B 100 5.61 8.17 -13.04
CA ASP B 100 6.09 7.43 -14.21
C ASP B 100 5.86 5.92 -14.10
N LEU B 101 6.14 5.36 -12.93
CA LEU B 101 5.99 3.93 -12.70
C LEU B 101 4.52 3.55 -12.45
N GLN B 102 3.68 4.56 -12.28
CA GLN B 102 2.26 4.39 -11.97
C GLN B 102 2.05 3.58 -10.69
N LEU B 103 2.79 3.95 -9.64
CA LEU B 103 2.73 3.23 -8.38
C LEU B 103 2.39 4.17 -7.23
N GLU B 104 1.87 3.60 -6.15
CA GLU B 104 1.56 4.35 -4.93
C GLU B 104 2.76 4.48 -4.02
N TYR B 105 3.69 3.53 -4.13
CA TYR B 105 4.83 3.48 -3.25
C TYR B 105 5.95 2.70 -3.91
N LEU B 106 7.16 2.90 -3.41
CA LEU B 106 8.29 2.05 -3.76
C LEU B 106 8.61 1.15 -2.57
N ASP B 107 9.11 -0.03 -2.86
CA ASP B 107 9.55 -0.91 -1.80
C ASP B 107 10.91 -0.47 -1.27
N LEU B 108 11.69 0.12 -2.16
CA LEU B 108 13.04 0.58 -1.80
C LEU B 108 13.43 1.76 -2.66
N TYR B 109 14.01 2.79 -2.04
CA TYR B 109 14.48 3.98 -2.75
C TYR B 109 15.92 4.26 -2.33
N LEU B 110 16.83 4.31 -3.30
CA LEU B 110 18.26 4.40 -3.00
C LEU B 110 18.84 5.75 -3.41
N MET B 111 19.84 6.22 -2.68
CA MET B 111 20.64 7.34 -3.19
C MET B 111 21.65 6.75 -4.18
N HIS B 112 21.56 7.15 -5.44
CA HIS B 112 22.30 6.46 -6.51
C HIS B 112 23.81 6.58 -6.33
N TRP B 113 24.27 7.73 -5.88
CA TRP B 113 25.69 8.00 -5.61
C TRP B 113 25.76 8.93 -4.43
N PRO B 114 26.91 8.95 -3.74
CA PRO B 114 26.99 9.85 -2.57
C PRO B 114 27.24 11.30 -2.96
N TYR B 115 27.68 11.56 -4.18
CA TYR B 115 28.02 12.93 -4.54
C TYR B 115 26.92 13.61 -5.37
N ALA B 116 26.86 14.94 -5.29
CA ALA B 116 25.80 15.70 -5.92
C ALA B 116 26.28 16.40 -7.20
N PHE B 117 25.40 16.48 -8.18
CA PHE B 117 25.62 17.24 -9.41
C PHE B 117 24.78 18.52 -9.34
N GLU B 118 25.12 19.50 -10.16
CA GLU B 118 24.36 20.75 -10.24
C GLU B 118 22.88 20.49 -10.52
N ARG B 119 21.99 21.17 -9.79
CA ARG B 119 20.53 21.04 -9.99
C ARG B 119 20.11 21.35 -11.41
N GLY B 120 19.01 20.75 -11.84
CA GLY B 120 18.47 21.05 -13.16
C GLY B 120 17.89 19.83 -13.84
N ASP B 121 17.50 19.98 -15.10
CA ASP B 121 16.88 18.89 -15.87
C ASP B 121 17.89 18.04 -16.62
N ASN B 122 19.13 18.52 -16.72
CA ASN B 122 20.20 17.76 -17.36
C ASN B 122 20.83 16.84 -16.32
N PRO B 123 20.71 15.52 -16.51
CA PRO B 123 21.27 14.57 -15.54
C PRO B 123 22.79 14.60 -15.52
N PHE B 124 23.40 15.11 -16.59
CA PHE B 124 24.85 15.23 -16.64
C PHE B 124 25.29 16.65 -17.03
N PRO B 125 25.16 17.59 -16.08
CA PRO B 125 25.54 18.98 -16.34
C PRO B 125 27.05 19.09 -16.51
N LYS B 126 27.49 19.73 -17.59
CA LYS B 126 28.90 19.74 -17.98
C LYS B 126 29.35 21.11 -18.43
N GLY B 130 34.23 20.79 -19.91
CA GLY B 130 33.98 19.38 -20.16
C GLY B 130 33.90 18.58 -18.89
N THR B 131 34.41 19.14 -17.80
CA THR B 131 34.34 18.51 -16.48
C THR B 131 32.88 18.57 -16.01
N VAL B 132 32.49 17.63 -15.14
CA VAL B 132 31.12 17.62 -14.65
C VAL B 132 30.92 18.78 -13.67
N ARG B 133 29.75 19.42 -13.74
CA ARG B 133 29.42 20.48 -12.81
C ARG B 133 28.89 19.87 -11.51
N TYR B 134 29.77 19.81 -10.51
CA TYR B 134 29.43 19.19 -9.24
C TYR B 134 28.73 20.18 -8.31
N ASP B 135 28.09 19.64 -7.29
CA ASP B 135 27.40 20.45 -6.30
C ASP B 135 27.93 20.01 -4.93
N SER B 136 27.85 20.89 -3.94
CA SER B 136 28.50 20.62 -2.65
C SER B 136 27.60 19.95 -1.61
N THR B 137 26.34 19.71 -1.95
CA THR B 137 25.37 19.15 -1.00
C THR B 137 25.84 17.83 -0.42
N HIS B 138 25.84 17.74 0.92
CA HIS B 138 26.33 16.53 1.57
C HIS B 138 25.22 15.53 1.69
N TYR B 139 25.55 14.25 1.53
CA TYR B 139 24.52 13.22 1.57
C TYR B 139 23.78 13.10 2.91
N LYS B 140 24.36 13.61 4.00
CA LYS B 140 23.66 13.64 5.29
C LYS B 140 22.41 14.51 5.18
N GLU B 141 22.50 15.62 4.46
CA GLU B 141 21.34 16.50 4.32
C GLU B 141 20.32 15.87 3.39
N THR B 142 20.78 15.25 2.32
CA THR B 142 19.90 14.53 1.41
C THR B 142 19.18 13.39 2.14
N TRP B 143 19.89 12.68 3.00
CA TRP B 143 19.28 11.58 3.75
C TRP B 143 18.13 12.08 4.61
N LYS B 144 18.29 13.20 5.29
CA LYS B 144 17.21 13.71 6.13
C LYS B 144 15.95 14.03 5.30
N ALA B 145 16.15 14.48 4.08
CA ALA B 145 15.04 14.73 3.16
C ALA B 145 14.40 13.43 2.71
N LEU B 146 15.23 12.42 2.44
CA LEU B 146 14.70 11.11 2.03
C LEU B 146 13.83 10.49 3.12
N GLU B 147 14.17 10.72 4.38
CA GLU B 147 13.43 10.09 5.49
C GLU B 147 11.96 10.51 5.52
N VAL B 148 11.67 11.71 5.03
CA VAL B 148 10.31 12.21 4.97
C VAL B 148 9.43 11.32 4.11
N LEU B 149 10.02 10.73 3.09
CA LEU B 149 9.28 9.85 2.17
C LEU B 149 8.74 8.60 2.87
N VAL B 150 9.47 8.12 3.87
CA VAL B 150 9.04 6.97 4.66
C VAL B 150 7.88 7.37 5.56
N ALA B 151 7.98 8.54 6.18
CA ALA B 151 6.90 9.06 7.02
C ALA B 151 5.60 9.21 6.23
N LYS B 152 5.71 9.59 4.96
CA LYS B 152 4.54 9.83 4.13
C LYS B 152 3.95 8.55 3.54
N GLY B 153 4.61 7.42 3.78
CA GLY B 153 4.15 6.15 3.24
C GLY B 153 4.51 5.95 1.79
N LEU B 154 5.34 6.83 1.22
CA LEU B 154 5.66 6.73 -0.21
C LEU B 154 6.75 5.70 -0.50
N VAL B 155 7.54 5.39 0.52
CA VAL B 155 8.66 4.47 0.37
C VAL B 155 8.71 3.60 1.61
N LYS B 156 8.86 2.28 1.44
CA LYS B 156 8.92 1.36 2.57
C LYS B 156 10.31 1.31 3.21
N ALA B 157 11.34 1.42 2.38
CA ALA B 157 12.72 1.33 2.87
C ALA B 157 13.62 2.25 2.06
N LEU B 158 14.65 2.78 2.70
CA LEU B 158 15.63 3.63 2.04
C LEU B 158 16.95 2.86 1.98
N GLY B 159 17.80 3.22 1.04
CA GLY B 159 19.11 2.62 1.02
C GLY B 159 20.13 3.42 0.25
N LEU B 160 21.30 2.81 0.06
CA LEU B 160 22.45 3.49 -0.48
C LEU B 160 23.01 2.71 -1.65
N SER B 161 23.50 3.42 -2.67
CA SER B 161 24.18 2.79 -3.79
C SER B 161 25.55 3.42 -3.92
N ASN B 162 26.58 2.59 -4.12
CA ASN B 162 27.95 3.08 -4.31
C ASN B 162 28.44 3.93 -3.14
N PHE B 163 28.11 3.52 -1.91
CA PHE B 163 28.69 4.11 -0.71
C PHE B 163 29.72 3.17 -0.14
N ASN B 164 30.78 3.71 0.46
CA ASN B 164 31.77 2.87 1.14
C ASN B 164 31.45 2.76 2.63
N SER B 165 32.22 1.96 3.36
CA SER B 165 31.91 1.70 4.77
C SER B 165 31.88 2.96 5.63
N ARG B 166 32.84 3.87 5.42
CA ARG B 166 32.87 5.14 6.12
C ARG B 166 31.62 5.98 5.86
N GLN B 167 31.20 6.03 4.60
CA GLN B 167 30.05 6.83 4.21
C GLN B 167 28.76 6.23 4.74
N ILE B 168 28.70 4.90 4.82
CA ILE B 168 27.55 4.24 5.42
C ILE B 168 27.44 4.66 6.88
N ASP B 169 28.57 4.62 7.59
CA ASP B 169 28.58 5.04 8.98
C ASP B 169 28.20 6.51 9.12
N ASP B 170 28.65 7.35 8.18
CA ASP B 170 28.24 8.76 8.17
C ASP B 170 26.73 8.91 8.11
N VAL B 171 26.08 8.14 7.23
CA VAL B 171 24.62 8.18 7.15
C VAL B 171 23.99 7.69 8.45
N LEU B 172 24.52 6.61 9.01
CA LEU B 172 24.02 6.11 10.29
C LEU B 172 24.10 7.18 11.37
N SER B 173 25.13 8.03 11.32
CA SER B 173 25.36 9.03 12.39
C SER B 173 24.25 10.09 12.51
N VAL B 174 23.43 10.23 11.47
CA VAL B 174 22.34 11.22 11.47
C VAL B 174 20.96 10.60 11.26
N ALA B 175 20.90 9.28 11.21
CA ALA B 175 19.67 8.63 10.75
C ALA B 175 18.56 8.60 11.80
N SER B 176 17.35 8.89 11.33
N SER B 176 17.34 8.89 11.35
CA SER B 176 16.13 8.61 12.09
CA SER B 176 16.15 8.57 12.13
C SER B 176 15.44 7.39 11.47
C SER B 176 15.41 7.40 11.46
N VAL B 177 15.78 7.12 10.22
CA VAL B 177 15.39 5.88 9.52
C VAL B 177 16.72 5.34 9.00
N ARG B 178 17.11 4.15 9.43
CA ARG B 178 18.40 3.59 9.01
C ARG B 178 18.27 2.94 7.64
N PRO B 179 19.34 3.00 6.83
CA PRO B 179 19.27 2.37 5.50
C PRO B 179 19.08 0.86 5.62
N ALA B 180 18.38 0.26 4.65
CA ALA B 180 18.07 -1.16 4.70
C ALA B 180 18.92 -1.99 3.74
N VAL B 181 19.46 -1.35 2.71
CA VAL B 181 20.15 -2.03 1.62
C VAL B 181 21.30 -1.18 1.13
N LEU B 182 22.44 -1.82 0.82
CA LEU B 182 23.52 -1.23 0.05
C LEU B 182 23.57 -1.94 -1.29
N GLN B 183 23.58 -1.17 -2.38
CA GLN B 183 23.72 -1.74 -3.71
C GLN B 183 25.07 -1.32 -4.28
N VAL B 184 25.89 -2.31 -4.65
CA VAL B 184 27.24 -2.06 -5.18
C VAL B 184 27.59 -3.14 -6.19
N GLU B 185 28.62 -2.87 -7.00
CA GLU B 185 29.18 -3.88 -7.87
C GLU B 185 29.68 -5.04 -7.02
N CYS B 186 29.34 -6.27 -7.38
CA CYS B 186 29.83 -7.43 -6.63
C CYS B 186 29.76 -8.70 -7.47
N HIS B 187 30.87 -9.46 -7.46
CA HIS B 187 31.03 -10.69 -8.23
C HIS B 187 32.33 -11.34 -7.70
N PRO B 188 32.68 -12.54 -8.17
CA PRO B 188 33.87 -13.16 -7.56
C PRO B 188 35.20 -12.40 -7.68
N TYR B 189 35.36 -11.51 -8.65
CA TYR B 189 36.61 -10.73 -8.74
C TYR B 189 36.59 -9.53 -7.76
N LEU B 190 35.40 -9.11 -7.37
CA LEU B 190 35.22 -8.04 -6.38
C LEU B 190 34.18 -8.52 -5.37
N ALA B 191 34.62 -9.39 -4.47
CA ALA B 191 33.69 -10.17 -3.65
C ALA B 191 33.05 -9.34 -2.55
N GLN B 192 33.66 -8.19 -2.26
CA GLN B 192 33.14 -7.25 -1.26
C GLN B 192 32.99 -7.85 0.13
N ASN B 193 33.87 -8.76 0.52
CA ASN B 193 33.67 -9.45 1.79
C ASN B 193 33.70 -8.52 3.00
N GLU B 194 34.64 -7.58 2.99
CA GLU B 194 34.75 -6.64 4.11
C GLU B 194 33.54 -5.73 4.17
N LEU B 195 33.12 -5.22 3.02
CA LEU B 195 31.98 -4.30 2.97
C LEU B 195 30.69 -5.01 3.33
N ILE B 196 30.56 -6.26 2.89
CA ILE B 196 29.40 -7.09 3.26
C ILE B 196 29.36 -7.34 4.76
N ALA B 197 30.50 -7.66 5.36
CA ALA B 197 30.58 -7.85 6.80
C ALA B 197 30.17 -6.57 7.54
N HIS B 198 30.66 -5.44 7.04
CA HIS B 198 30.35 -4.15 7.63
C HIS B 198 28.85 -3.91 7.55
N CYS B 199 28.28 -4.18 6.38
CA CYS B 199 26.83 -4.01 6.19
C CYS B 199 26.02 -4.86 7.14
N HIS B 200 26.45 -6.10 7.34
CA HIS B 200 25.69 -6.97 8.25
C HIS B 200 25.72 -6.44 9.68
N ALA B 201 26.86 -5.89 10.09
CA ALA B 201 26.99 -5.28 11.41
C ALA B 201 26.13 -4.01 11.51
N ARG B 202 25.83 -3.40 10.36
CA ARG B 202 25.05 -2.18 10.33
C ARG B 202 23.58 -2.41 9.97
N GLY B 203 23.21 -3.66 9.73
CA GLY B 203 21.81 -4.00 9.47
C GLY B 203 21.37 -3.77 8.04
N LEU B 204 22.32 -3.65 7.12
CA LEU B 204 21.98 -3.52 5.69
C LEU B 204 22.17 -4.85 4.98
N GLU B 205 21.22 -5.22 4.13
CA GLU B 205 21.43 -6.33 3.21
C GLU B 205 22.13 -5.77 1.98
N VAL B 206 22.80 -6.63 1.21
CA VAL B 206 23.59 -6.15 0.07
C VAL B 206 23.02 -6.66 -1.24
N THR B 207 22.91 -5.75 -2.21
CA THR B 207 22.52 -6.11 -3.58
C THR B 207 23.71 -5.92 -4.49
N ALA B 208 24.01 -6.96 -5.28
CA ALA B 208 25.10 -6.94 -6.25
C ALA B 208 24.60 -6.50 -7.61
N TYR B 209 25.11 -5.39 -8.12
CA TYR B 209 24.91 -5.11 -9.54
C TYR B 209 26.13 -5.62 -10.32
N SER B 210 25.95 -5.75 -11.63
N SER B 210 25.96 -5.77 -11.63
CA SER B 210 26.95 -6.39 -12.48
CA SER B 210 26.99 -6.38 -12.46
C SER B 210 27.51 -7.70 -11.90
C SER B 210 27.53 -7.71 -11.88
N PRO B 211 26.62 -8.63 -11.50
CA PRO B 211 27.11 -9.85 -10.84
C PRO B 211 27.85 -10.81 -11.76
N LEU B 212 27.86 -10.56 -13.07
CA LEU B 212 28.61 -11.42 -13.97
C LEU B 212 29.92 -10.76 -14.36
N GLY B 213 30.27 -9.70 -13.66
CA GLY B 213 31.38 -8.88 -14.10
C GLY B 213 30.93 -8.01 -15.26
N PRO B 222 42.50 -7.31 -22.84
CA PRO B 222 42.99 -7.98 -24.05
C PRO B 222 43.49 -9.40 -23.78
N ASP B 223 44.56 -9.54 -22.98
CA ASP B 223 44.87 -10.81 -22.37
C ASP B 223 44.47 -10.70 -20.91
N GLU B 224 43.50 -9.83 -20.68
CA GLU B 224 42.96 -9.54 -19.37
C GLU B 224 42.04 -10.69 -18.96
N PRO B 225 42.06 -11.07 -17.68
CA PRO B 225 41.18 -12.14 -17.19
C PRO B 225 39.71 -11.87 -17.47
N VAL B 226 38.98 -12.89 -17.89
CA VAL B 226 37.52 -12.77 -18.00
C VAL B 226 36.85 -13.74 -17.03
N LEU B 227 36.06 -13.18 -16.11
CA LEU B 227 35.42 -13.92 -15.02
C LEU B 227 34.66 -15.15 -15.49
N LEU B 228 33.81 -14.96 -16.49
CA LEU B 228 32.98 -16.06 -16.95
C LEU B 228 33.77 -17.21 -17.61
N GLU B 229 35.06 -16.95 -17.86
CA GLU B 229 35.94 -17.94 -18.49
C GLU B 229 36.87 -18.64 -17.50
N GLU B 230 36.78 -18.30 -16.23
CA GLU B 230 37.66 -18.92 -15.23
C GLU B 230 37.48 -20.43 -15.20
N PRO B 231 38.59 -21.17 -15.20
CA PRO B 231 38.50 -22.64 -15.15
C PRO B 231 37.60 -23.18 -14.03
N VAL B 232 37.59 -22.56 -12.86
CA VAL B 232 36.72 -23.07 -11.79
C VAL B 232 35.25 -22.84 -12.14
N VAL B 233 34.95 -21.72 -12.82
CA VAL B 233 33.58 -21.41 -13.21
C VAL B 233 33.11 -22.41 -14.26
N LEU B 234 33.99 -22.69 -15.21
CA LEU B 234 33.64 -23.61 -16.29
C LEU B 234 33.52 -25.04 -15.76
N ALA B 235 34.37 -25.40 -14.80
CA ALA B 235 34.31 -26.72 -14.20
C ALA B 235 33.00 -26.91 -13.43
N LEU B 236 32.59 -25.89 -12.68
CA LEU B 236 31.34 -25.97 -11.94
C LEU B 236 30.15 -25.99 -12.89
N ALA B 237 30.23 -25.23 -13.97
CA ALA B 237 29.19 -25.20 -14.99
C ALA B 237 29.00 -26.59 -15.58
N GLU B 238 30.11 -27.26 -15.84
CA GLU B 238 30.05 -28.60 -16.39
C GLU B 238 29.52 -29.61 -15.37
N LYS B 239 30.02 -29.54 -14.14
CA LYS B 239 29.64 -30.49 -13.10
C LYS B 239 28.15 -30.40 -12.76
N HIS B 240 27.64 -29.18 -12.73
CA HIS B 240 26.27 -28.96 -12.31
C HIS B 240 25.28 -28.84 -13.46
N GLY B 241 25.79 -28.82 -14.69
CA GLY B 241 24.93 -28.67 -15.87
C GLY B 241 24.25 -27.32 -15.91
N ARG B 242 25.00 -26.27 -15.60
CA ARG B 242 24.48 -24.91 -15.62
C ARG B 242 25.38 -24.01 -16.46
N SER B 243 24.90 -22.81 -16.79
CA SER B 243 25.68 -21.86 -17.56
C SER B 243 26.67 -21.21 -16.61
N PRO B 244 27.77 -20.67 -17.15
CA PRO B 244 28.72 -19.90 -16.33
C PRO B 244 27.99 -18.79 -15.55
N ALA B 245 27.05 -18.11 -16.20
CA ALA B 245 26.29 -17.06 -15.52
C ALA B 245 25.53 -17.61 -14.31
N GLN B 246 24.88 -18.76 -14.48
CA GLN B 246 24.15 -19.37 -13.39
C GLN B 246 25.05 -19.74 -12.21
N ILE B 247 26.29 -20.12 -12.51
CA ILE B 247 27.26 -20.40 -11.47
C ILE B 247 27.54 -19.16 -10.62
N LEU B 248 27.76 -18.03 -11.28
CA LEU B 248 28.12 -16.79 -10.55
C LEU B 248 26.94 -16.28 -9.74
N LEU B 249 25.73 -16.45 -10.28
CA LEU B 249 24.54 -16.02 -9.56
C LEU B 249 24.26 -16.92 -8.38
N ARG B 250 24.43 -18.22 -8.54
CA ARG B 250 24.22 -19.15 -7.44
C ARG B 250 25.16 -18.85 -6.27
N TRP B 251 26.40 -18.51 -6.59
CA TRP B 251 27.38 -18.19 -5.57
C TRP B 251 26.86 -17.06 -4.69
N GLN B 252 26.30 -16.03 -5.32
CA GLN B 252 25.77 -14.91 -4.55
C GLN B 252 24.54 -15.31 -3.73
N VAL B 253 23.57 -16.00 -4.34
CA VAL B 253 22.36 -16.35 -3.59
C VAL B 253 22.71 -17.21 -2.39
N GLN B 254 23.70 -18.07 -2.56
CA GLN B 254 24.11 -18.94 -1.46
C GLN B 254 24.79 -18.14 -0.33
N ARG B 255 25.43 -17.04 -0.70
CA ARG B 255 26.04 -16.08 0.23
C ARG B 255 25.00 -15.16 0.84
N LYS B 256 23.76 -15.28 0.37
CA LYS B 256 22.66 -14.40 0.77
C LYS B 256 22.87 -12.97 0.31
N VAL B 257 23.53 -12.81 -0.82
CA VAL B 257 23.68 -11.53 -1.49
C VAL B 257 22.66 -11.46 -2.64
N ILE B 258 21.80 -10.44 -2.60
CA ILE B 258 20.79 -10.21 -3.64
C ILE B 258 21.51 -9.84 -4.94
N CYS B 259 21.00 -10.32 -6.07
CA CYS B 259 21.61 -9.98 -7.38
C CYS B 259 20.59 -9.38 -8.32
N ILE B 260 21.02 -8.40 -9.10
CA ILE B 260 20.15 -7.84 -10.14
C ILE B 260 20.76 -7.92 -11.54
N PRO B 261 20.88 -9.15 -12.08
CA PRO B 261 21.45 -9.28 -13.43
C PRO B 261 20.63 -8.51 -14.46
N LYS B 262 21.32 -7.72 -15.28
CA LYS B 262 20.67 -6.94 -16.32
C LYS B 262 20.74 -7.73 -17.62
N SER B 263 19.58 -7.87 -18.26
CA SER B 263 19.51 -8.51 -19.56
C SER B 263 18.24 -8.04 -20.22
N ILE B 264 18.25 -8.00 -21.55
CA ILE B 264 17.02 -7.81 -22.30
C ILE B 264 16.84 -9.00 -23.25
N ASN B 265 17.66 -10.04 -23.06
CA ASN B 265 17.52 -11.26 -23.85
C ASN B 265 16.54 -12.24 -23.20
N PRO B 266 15.53 -12.69 -23.96
CA PRO B 266 14.48 -13.51 -23.33
C PRO B 266 14.99 -14.78 -22.67
N SER B 267 15.87 -15.53 -23.33
CA SER B 267 16.34 -16.79 -22.77
C SER B 267 17.24 -16.57 -21.56
N ARG B 268 18.10 -15.56 -21.62
CA ARG B 268 19.00 -15.30 -20.51
C ARG B 268 18.26 -14.75 -19.29
N ILE B 269 17.26 -13.92 -19.52
CA ILE B 269 16.38 -13.49 -18.43
C ILE B 269 15.81 -14.70 -17.71
N LEU B 270 15.28 -15.66 -18.46
CA LEU B 270 14.73 -16.87 -17.87
C LEU B 270 15.78 -17.68 -17.10
N GLN B 271 16.96 -17.86 -17.70
CA GLN B 271 18.03 -18.65 -17.09
C GLN B 271 18.57 -18.02 -15.81
N ASN B 272 18.63 -16.69 -15.78
CA ASN B 272 19.25 -15.98 -14.66
C ASN B 272 18.50 -16.11 -13.34
N ILE B 273 17.25 -16.55 -13.37
CA ILE B 273 16.51 -16.76 -12.13
C ILE B 273 16.41 -18.24 -11.74
N GLN B 274 16.94 -19.12 -12.58
CA GLN B 274 16.92 -20.55 -12.28
C GLN B 274 18.19 -20.92 -11.51
N VAL B 275 18.26 -20.43 -10.28
CA VAL B 275 19.45 -20.62 -9.45
C VAL B 275 19.10 -21.10 -8.04
N PHE B 276 17.90 -21.68 -7.90
CA PHE B 276 17.44 -22.10 -6.58
C PHE B 276 17.26 -23.62 -6.45
N ASP B 277 17.58 -24.35 -7.52
CA ASP B 277 17.37 -25.79 -7.56
C ASP B 277 18.68 -26.59 -7.60
N PHE B 278 19.80 -25.94 -7.30
CA PHE B 278 21.08 -26.64 -7.10
C PHE B 278 21.86 -25.93 -6.01
N THR B 279 22.87 -26.59 -5.46
N THR B 279 22.91 -26.58 -5.52
CA THR B 279 23.67 -26.03 -4.38
CA THR B 279 23.67 -26.01 -4.42
C THR B 279 25.16 -26.34 -4.54
C THR B 279 25.16 -26.34 -4.53
N PHE B 280 25.99 -25.46 -3.99
CA PHE B 280 27.44 -25.68 -3.99
C PHE B 280 27.87 -26.23 -2.64
N SER B 281 28.92 -27.05 -2.64
CA SER B 281 29.49 -27.55 -1.39
C SER B 281 30.34 -26.45 -0.77
N PRO B 282 30.68 -26.59 0.52
CA PRO B 282 31.58 -25.60 1.13
C PRO B 282 32.90 -25.47 0.38
N GLU B 283 33.44 -26.57 -0.13
CA GLU B 283 34.70 -26.49 -0.88
C GLU B 283 34.52 -25.72 -2.19
N GLU B 284 33.39 -25.94 -2.86
CA GLU B 284 33.09 -25.23 -4.10
C GLU B 284 32.96 -23.73 -3.83
N MET B 285 32.31 -23.37 -2.72
CA MET B 285 32.22 -21.97 -2.33
C MET B 285 33.61 -21.38 -2.07
N LYS B 286 34.47 -22.14 -1.41
CA LYS B 286 35.83 -21.68 -1.12
C LYS B 286 36.63 -21.49 -2.40
N GLN B 287 36.40 -22.33 -3.41
CA GLN B 287 37.11 -22.19 -4.68
CA GLN B 287 37.08 -22.20 -4.70
C GLN B 287 36.68 -20.91 -5.41
N LEU B 288 35.39 -20.58 -5.35
CA LEU B 288 34.91 -19.35 -5.94
C LEU B 288 35.39 -18.14 -5.14
N ASP B 289 35.47 -18.29 -3.81
CA ASP B 289 35.97 -17.22 -2.94
C ASP B 289 37.41 -16.86 -3.28
N ALA B 290 38.16 -17.86 -3.76
CA ALA B 290 39.57 -17.67 -4.04
C ALA B 290 39.82 -16.81 -5.28
N LEU B 291 38.75 -16.54 -6.05
CA LEU B 291 38.90 -15.69 -7.23
C LEU B 291 39.00 -14.20 -6.90
N ASN B 292 38.71 -13.82 -5.66
CA ASN B 292 38.69 -12.41 -5.30
C ASN B 292 40.02 -11.70 -5.54
N LYS B 293 39.97 -10.56 -6.20
CA LYS B 293 41.19 -9.78 -6.40
C LYS B 293 40.95 -8.28 -6.32
N ASN B 294 39.84 -7.88 -5.71
CA ASN B 294 39.46 -6.47 -5.59
C ASN B 294 39.53 -5.71 -6.91
N TRP B 295 38.98 -6.33 -7.96
CA TRP B 295 38.98 -5.74 -9.30
C TRP B 295 37.63 -5.10 -9.57
N ARG B 296 37.62 -3.77 -9.67
CA ARG B 296 36.39 -2.99 -9.88
C ARG B 296 36.24 -2.61 -11.35
N TYR B 297 35.13 -3.03 -11.97
CA TYR B 297 34.87 -2.77 -13.38
C TYR B 297 34.03 -1.53 -13.62
N ILE B 298 33.13 -1.23 -12.68
CA ILE B 298 32.09 -0.25 -12.95
C ILE B 298 32.42 1.06 -12.27
N VAL B 299 32.96 1.99 -13.06
CA VAL B 299 33.39 3.29 -12.61
C VAL B 299 33.19 4.24 -13.78
N PRO B 300 32.53 5.40 -13.54
CA PRO B 300 32.39 6.40 -14.61
C PRO B 300 33.76 6.88 -15.09
N MET B 301 34.08 6.68 -16.37
CA MET B 301 35.42 7.00 -16.87
C MET B 301 35.40 8.09 -17.95
N VAL B 309 40.64 7.55 -17.41
CA VAL B 309 40.68 7.81 -15.97
C VAL B 309 39.28 7.98 -15.40
N PRO B 310 39.11 7.75 -14.09
CA PRO B 310 37.85 8.00 -13.40
C PRO B 310 37.38 9.45 -13.53
N ARG B 311 36.15 9.63 -13.99
CA ARG B 311 35.57 10.96 -14.18
C ARG B 311 35.44 11.70 -12.86
N ASP B 312 34.86 11.04 -11.86
CA ASP B 312 34.43 11.71 -10.63
C ASP B 312 35.38 11.55 -9.44
N ALA B 313 36.57 11.04 -9.66
CA ALA B 313 37.47 10.70 -8.55
C ALA B 313 38.01 11.89 -7.77
N GLY B 314 37.81 13.10 -8.29
CA GLY B 314 38.32 14.27 -7.61
C GLY B 314 37.30 14.85 -6.65
N HIS B 315 36.09 14.32 -6.70
CA HIS B 315 35.04 14.76 -5.78
C HIS B 315 35.35 14.27 -4.37
N PRO B 316 35.19 15.15 -3.36
CA PRO B 316 35.50 14.78 -1.97
C PRO B 316 34.63 13.64 -1.44
N LEU B 317 33.46 13.43 -2.05
CA LEU B 317 32.55 12.38 -1.59
C LEU B 317 32.61 11.14 -2.49
N TYR B 318 33.67 11.04 -3.30
CA TYR B 318 33.89 9.88 -4.14
C TYR B 318 34.11 8.64 -3.28
N PRO B 319 33.45 7.53 -3.64
CA PRO B 319 33.44 6.37 -2.72
C PRO B 319 34.57 5.36 -2.88
N PHE B 320 35.30 5.39 -3.99
CA PHE B 320 36.14 4.24 -4.32
C PHE B 320 37.62 4.37 -3.98
N ASN B 321 37.98 5.41 -3.23
CA ASN B 321 39.37 5.59 -2.82
C ASN B 321 39.73 4.74 -1.60
N ASP B 322 38.81 4.66 -0.64
CA ASP B 322 39.01 3.85 0.56
C ASP B 322 39.13 2.38 0.18
N PRO B 323 39.84 1.59 1.01
CA PRO B 323 39.95 0.14 0.77
C PRO B 323 38.58 -0.53 0.65
N TYR B 324 37.64 -0.16 1.51
CA TYR B 324 36.26 -0.64 1.39
C TYR B 324 35.32 0.24 2.20
#